data_6SMS
#
_entry.id   6SMS
#
_cell.length_a   105.170
_cell.length_b   176.240
_cell.length_c   48.780
_cell.angle_alpha   90.000
_cell.angle_beta   90.000
_cell.angle_gamma   90.000
#
_symmetry.space_group_name_H-M   'P 21 21 2'
#
loop_
_entity.id
_entity.type
_entity.pdbx_description
1 polymer 'Vegetative Insecticidal Protein 1Ac from Bacillus Thuringiensis'
2 non-polymer 'CALCIUM ION'
3 non-polymer 1,2-ETHANEDIOL
4 non-polymer 'SULFATE ION'
5 water water
#
_entity_poly.entity_id   1
_entity_poly.type   'polypeptide(L)'
_entity_poly.pdbx_seq_one_letter_code
;QKEMDRKGLLGYYFKDKDFSNLTMFSPTRYNTLIYDQQTANKLLDKKQQEYQSIRWIGLIQSNKTGDFTFELSDDE
(CSO)AIIEMDGKVISNKGKEKQVVHLEKGKLVPIKIEYQLDEPLNIDDEKFKGFKLLKVDNQKQLHQVQQDELRNPEFN
KKESQEFLAKASKINLFTKKIKRDIDEGTDTDGDSIPDMWEENGYTIQNRIAVKWNDSLASKGYTKFVSNPLDSHTVGDP
YTDYEKASRDLDLSNAKETFNPLVAAFPSVNVSMEKVILSPNKNLSNSVESHSSTNWSYTNTEGASVEAGIGPKGFSFGV
SANYQHSETVAQEWGASIGDTTQLNTASAGYLNANVRYNNVGTGAIYDVKPTTSFVLEKNTIATITAKSNSTALSISPGE
SYPKKGQNGIAITSMDDFNSHPITLNKKQLDQVLTNNPIMLETDQTDGIYKIKDTHGNIVTGGTWNGVTQQIKAKTASII
VDDGKQVAEKRVAAKDYAYPEDKTPSLTLKDALKLSFPEEIKETDGLLYYNNKPIYESSVMTYLDGNTAKEVKKQINDKT
GEFKDVQHLYAVKLTPKMNFTIKVPVAYDTAKQAVNLGGDNPWGAKGLLGTWVNAMVVDNSGDKAYKRVEPGYLLSPTLE
FSEGSLDNLKKNYSFYVSMYVKSDKPFTLRINAGPYSTKRTIEASNDFKRVDIPAFYIEGFPIDTIRLEGSDYPSAIWWK
DVSITEVSAVKK
;
_entity_poly.pdbx_strand_id   A
#
loop_
_chem_comp.id
_chem_comp.type
_chem_comp.name
_chem_comp.formula
CA non-polymer 'CALCIUM ION' 'Ca 2'
EDO non-polymer 1,2-ETHANEDIOL 'C2 H6 O2'
SO4 non-polymer 'SULFATE ION' 'O4 S -2'
#
# COMPACT_ATOMS: atom_id res chain seq x y z
N GLN A 1 -4.24 -0.67 -20.65
CA GLN A 1 -3.27 0.06 -21.50
C GLN A 1 -2.41 -0.90 -22.33
N LYS A 2 -1.82 -0.39 -23.42
CA LYS A 2 -0.82 -1.11 -24.24
C LYS A 2 0.39 -1.54 -23.41
N GLU A 3 0.85 -2.78 -23.60
CA GLU A 3 2.21 -3.23 -23.22
C GLU A 3 3.15 -2.81 -24.36
N MET A 4 4.08 -1.91 -24.08
CA MET A 4 4.92 -1.28 -25.13
C MET A 4 6.37 -1.68 -24.90
N ASP A 5 7.17 -1.76 -25.97
CA ASP A 5 8.62 -2.03 -25.87
C ASP A 5 9.32 -0.69 -25.58
N ARG A 6 10.64 -0.73 -25.42
CA ARG A 6 11.48 0.48 -25.21
C ARG A 6 12.22 0.86 -26.47
N LYS A 7 11.66 0.56 -27.64
CA LYS A 7 12.27 0.98 -28.91
C LYS A 7 11.82 2.41 -29.26
N GLY A 8 12.46 2.95 -30.28
CA GLY A 8 12.33 4.37 -30.66
C GLY A 8 13.02 5.24 -29.62
N LEU A 9 12.90 6.55 -29.78
CA LEU A 9 13.49 7.50 -28.82
C LEU A 9 12.37 8.05 -27.94
N LEU A 10 12.75 8.78 -26.91
CA LEU A 10 11.78 9.54 -26.10
C LEU A 10 11.66 10.97 -26.65
N GLY A 11 10.49 11.32 -27.16
CA GLY A 11 10.21 12.64 -27.75
C GLY A 11 9.58 13.57 -26.77
N TYR A 12 10.11 14.78 -26.71
CA TYR A 12 9.66 15.91 -25.86
C TYR A 12 9.20 17.01 -26.81
N TYR A 13 7.95 17.42 -26.69
CA TYR A 13 7.29 18.35 -27.65
C TYR A 13 6.93 19.60 -26.86
N PHE A 14 7.55 20.72 -27.21
CA PHE A 14 7.45 21.97 -26.43
C PHE A 14 6.62 23.02 -27.18
N LYS A 15 5.86 23.78 -26.40
CA LYS A 15 5.04 24.88 -26.92
C LYS A 15 5.93 26.03 -27.42
N ASP A 16 6.96 26.36 -26.64
CA ASP A 16 7.87 27.50 -26.93
C ASP A 16 9.02 27.05 -27.84
N LYS A 17 9.82 28.03 -28.30
CA LYS A 17 10.97 27.76 -29.20
C LYS A 17 12.19 27.26 -28.41
N ASP A 18 12.23 27.44 -27.09
CA ASP A 18 13.47 27.32 -26.29
C ASP A 18 13.42 26.13 -25.33
N PHE A 19 12.66 25.07 -25.63
CA PHE A 19 12.70 23.82 -24.83
C PHE A 19 12.39 24.11 -23.35
N SER A 20 11.45 25.03 -23.08
CA SER A 20 11.15 25.50 -21.70
C SER A 20 9.74 25.13 -21.25
N ASN A 21 8.77 25.01 -22.15
CA ASN A 21 7.35 24.77 -21.77
C ASN A 21 6.94 23.45 -22.40
N LEU A 22 7.13 22.36 -21.68
CA LEU A 22 6.84 21.03 -22.25
C LEU A 22 5.32 20.83 -22.30
N THR A 23 4.83 20.37 -23.43
CA THR A 23 3.42 20.03 -23.64
C THR A 23 3.16 18.53 -23.49
N MET A 24 3.92 17.68 -24.17
N MET A 24 4.08 17.70 -23.95
CA MET A 24 3.76 16.21 -23.97
CA MET A 24 3.80 16.25 -24.06
C MET A 24 5.05 15.49 -24.30
C MET A 24 5.14 15.55 -24.18
N PHE A 25 5.26 14.33 -23.68
CA PHE A 25 6.42 13.50 -24.04
C PHE A 25 5.95 12.06 -24.17
N SER A 26 6.57 11.37 -25.10
CA SER A 26 6.16 10.00 -25.50
C SER A 26 7.30 9.31 -26.19
N PRO A 27 7.40 7.98 -26.09
CA PRO A 27 8.24 7.30 -27.05
C PRO A 27 7.72 7.48 -28.47
N THR A 28 8.62 7.36 -29.44
CA THR A 28 8.29 7.53 -30.85
C THR A 28 7.72 6.23 -31.43
N ARG A 29 6.72 6.38 -32.28
CA ARG A 29 6.04 5.20 -32.85
C ARG A 29 6.78 4.76 -34.11
N TYR A 30 6.60 3.50 -34.44
CA TYR A 30 7.36 2.74 -35.45
C TYR A 30 7.75 3.57 -36.68
N ASN A 31 9.05 3.74 -36.79
CA ASN A 31 9.76 4.35 -37.95
C ASN A 31 9.28 5.79 -38.16
N THR A 32 8.87 6.48 -37.10
CA THR A 32 8.51 7.92 -37.16
C THR A 32 9.20 8.61 -35.99
N LEU A 33 9.10 9.92 -35.95
CA LEU A 33 9.61 10.67 -34.79
C LEU A 33 8.41 11.34 -34.14
N ILE A 34 7.24 10.74 -34.28
CA ILE A 34 6.01 11.30 -33.65
C ILE A 34 5.37 10.20 -32.80
N TYR A 35 4.19 10.46 -32.27
CA TYR A 35 3.53 9.62 -31.24
C TYR A 35 2.19 9.12 -31.75
N ASP A 36 1.52 8.34 -30.90
CA ASP A 36 0.17 7.77 -31.18
C ASP A 36 -0.91 8.85 -31.03
N GLN A 37 -1.55 9.24 -32.14
CA GLN A 37 -2.55 10.34 -32.12
C GLN A 37 -3.85 9.88 -31.47
N GLN A 38 -4.20 8.61 -31.58
CA GLN A 38 -5.47 8.12 -30.96
C GLN A 38 -5.38 8.42 -29.46
N THR A 39 -4.25 8.13 -28.81
CA THR A 39 -4.09 8.36 -27.37
C THR A 39 -3.91 9.86 -27.13
N ALA A 40 -3.04 10.52 -27.88
CA ALA A 40 -2.70 11.95 -27.62
C ALA A 40 -3.95 12.81 -27.70
N ASN A 41 -4.85 12.50 -28.63
CA ASN A 41 -6.06 13.31 -28.88
C ASN A 41 -7.02 13.23 -27.69
N LYS A 42 -6.93 12.17 -26.89
CA LYS A 42 -7.78 12.09 -25.68
C LYS A 42 -7.18 12.89 -24.53
N LEU A 43 -5.86 13.10 -24.53
CA LEU A 43 -5.18 13.80 -23.44
C LEU A 43 -5.14 15.30 -23.70
N LEU A 44 -5.10 15.68 -24.97
CA LEU A 44 -4.92 17.09 -25.37
C LEU A 44 -5.68 17.35 -26.68
N ASP A 45 -6.49 18.39 -26.73
CA ASP A 45 -7.19 18.74 -27.98
C ASP A 45 -6.16 18.86 -29.10
N LYS A 46 -6.48 18.33 -30.29
CA LYS A 46 -5.58 18.39 -31.47
C LYS A 46 -5.08 19.81 -31.68
N LYS A 47 -5.91 20.80 -31.37
CA LYS A 47 -5.57 22.23 -31.64
C LYS A 47 -4.40 22.68 -30.74
N GLN A 48 -4.19 22.04 -29.60
CA GLN A 48 -3.12 22.39 -28.63
C GLN A 48 -1.85 21.56 -28.87
N GLN A 49 -1.88 20.63 -29.82
CA GLN A 49 -0.72 19.79 -30.22
C GLN A 49 0.06 20.54 -31.30
N GLU A 50 0.56 21.72 -30.95
CA GLU A 50 1.41 22.50 -31.89
C GLU A 50 2.62 22.98 -31.12
N TYR A 51 3.77 22.80 -31.74
CA TYR A 51 5.06 22.83 -31.02
C TYR A 51 6.00 23.76 -31.76
N GLN A 52 6.88 24.40 -31.00
N GLN A 52 6.88 24.41 -31.02
CA GLN A 52 7.95 25.26 -31.59
CA GLN A 52 7.96 25.21 -31.68
C GLN A 52 9.35 24.69 -31.35
C GLN A 52 9.37 24.71 -31.31
N SER A 53 9.53 23.65 -30.51
CA SER A 53 10.84 23.00 -30.32
C SER A 53 10.56 21.56 -29.94
N ILE A 54 11.47 20.68 -30.33
CA ILE A 54 11.34 19.22 -30.08
C ILE A 54 12.70 18.71 -29.69
N ARG A 55 12.72 17.84 -28.68
CA ARG A 55 13.93 17.06 -28.35
C ARG A 55 13.61 15.57 -28.45
N TRP A 56 14.44 14.79 -29.13
CA TRP A 56 14.38 13.31 -29.07
C TRP A 56 15.61 12.80 -28.36
N ILE A 57 15.46 11.89 -27.41
CA ILE A 57 16.61 11.50 -26.57
C ILE A 57 16.52 10.00 -26.29
N GLY A 58 17.67 9.36 -26.21
CA GLY A 58 17.76 7.94 -25.86
C GLY A 58 19.07 7.37 -26.35
N LEU A 59 18.97 6.27 -27.10
CA LEU A 59 20.15 5.49 -27.50
C LEU A 59 20.03 5.08 -28.94
N ILE A 60 21.18 4.98 -29.63
CA ILE A 60 21.17 4.48 -31.02
C ILE A 60 22.11 3.28 -31.10
N GLN A 61 21.78 2.31 -31.93
CA GLN A 61 22.74 1.24 -32.31
C GLN A 61 22.63 1.09 -33.82
N SER A 62 23.75 0.80 -34.47
CA SER A 62 23.68 0.51 -35.90
C SER A 62 23.37 -0.97 -36.07
N ASN A 63 22.63 -1.32 -37.11
N ASN A 63 22.60 -1.28 -37.11
CA ASN A 63 22.39 -2.73 -37.50
CA ASN A 63 22.34 -2.63 -37.66
C ASN A 63 23.59 -3.27 -38.30
C ASN A 63 23.61 -3.26 -38.22
N LYS A 64 24.61 -2.44 -38.57
CA LYS A 64 25.83 -2.91 -39.26
C LYS A 64 26.98 -2.04 -38.79
N THR A 65 28.12 -2.65 -38.50
CA THR A 65 29.34 -1.89 -38.13
C THR A 65 29.74 -1.02 -39.33
N GLY A 66 30.08 0.23 -39.05
CA GLY A 66 30.48 1.13 -40.14
C GLY A 66 30.82 2.52 -39.65
N ASP A 67 31.10 3.39 -40.61
CA ASP A 67 31.46 4.79 -40.35
C ASP A 67 30.38 5.65 -40.99
N PHE A 68 29.67 6.44 -40.19
CA PHE A 68 28.42 7.07 -40.63
C PHE A 68 28.46 8.57 -40.34
N THR A 69 27.69 9.29 -41.13
CA THR A 69 27.24 10.66 -40.75
C THR A 69 25.74 10.60 -40.54
N PHE A 70 25.20 11.59 -39.86
CA PHE A 70 23.76 11.64 -39.53
C PHE A 70 23.17 12.96 -40.03
N GLU A 71 21.90 12.88 -40.37
CA GLU A 71 21.13 14.08 -40.71
C GLU A 71 19.66 13.83 -40.34
N LEU A 72 18.97 14.90 -40.03
CA LEU A 72 17.52 14.86 -39.96
C LEU A 72 16.94 15.21 -41.33
N SER A 73 15.74 14.72 -41.61
CA SER A 73 15.01 14.98 -42.87
C SER A 73 14.97 16.49 -43.13
N ASP A 74 14.73 17.33 -42.09
CA ASP A 74 14.83 18.82 -42.19
C ASP A 74 16.07 19.21 -41.37
N ASP A 75 17.24 19.30 -42.00
CA ASP A 75 18.53 19.26 -41.30
C ASP A 75 19.00 20.65 -40.87
N GLU A 76 18.57 21.72 -41.57
CA GLU A 76 19.16 23.05 -41.31
C GLU A 76 18.69 23.60 -39.98
N CSO A 77 17.67 23.00 -39.34
CA CSO A 77 17.15 23.51 -38.07
CB CSO A 77 15.71 23.86 -38.20
SG CSO A 77 15.50 25.25 -39.33
C CSO A 77 17.33 22.51 -36.91
O CSO A 77 16.68 22.49 -35.88
OD CSO A 77 16.61 26.41 -38.81
N ALA A 78 18.22 21.33 -37.26
CA ALA A 78 18.45 20.23 -36.34
C ALA A 78 19.89 20.31 -35.84
N ILE A 79 20.08 19.90 -34.59
CA ILE A 79 21.41 19.64 -34.01
C ILE A 79 21.39 18.24 -33.39
N ILE A 80 22.40 17.43 -33.71
CA ILE A 80 22.50 16.01 -33.25
C ILE A 80 23.75 15.86 -32.39
N GLU A 81 23.55 15.34 -31.16
CA GLU A 81 24.61 14.97 -30.22
C GLU A 81 24.63 13.46 -30.11
N MET A 82 25.80 12.84 -30.18
CA MET A 82 25.93 11.37 -30.06
C MET A 82 27.12 11.10 -29.15
N ASP A 83 26.89 10.36 -28.07
CA ASP A 83 27.96 10.01 -27.11
C ASP A 83 28.63 11.31 -26.60
N GLY A 84 27.83 12.36 -26.33
CA GLY A 84 28.26 13.62 -25.70
C GLY A 84 28.95 14.57 -26.67
N LYS A 85 29.03 14.21 -27.96
CA LYS A 85 29.73 15.01 -29.01
C LYS A 85 28.71 15.56 -29.99
N VAL A 86 28.85 16.82 -30.40
CA VAL A 86 27.93 17.38 -31.44
C VAL A 86 28.41 16.88 -32.79
N ILE A 87 27.59 16.10 -33.48
CA ILE A 87 28.03 15.42 -34.72
C ILE A 87 27.34 15.99 -35.95
N SER A 88 26.36 16.87 -35.76
CA SER A 88 25.75 17.61 -36.90
C SER A 88 25.15 18.88 -36.34
N ASN A 89 25.38 20.02 -37.00
CA ASN A 89 24.91 21.30 -36.43
C ASN A 89 24.25 22.11 -37.53
N LYS A 90 22.91 22.09 -37.63
N LYS A 90 22.92 22.05 -37.64
CA LYS A 90 22.14 22.83 -38.66
CA LYS A 90 22.16 22.85 -38.64
C LYS A 90 22.69 22.48 -40.05
C LYS A 90 22.70 22.48 -40.04
N GLY A 91 22.97 21.18 -40.26
CA GLY A 91 23.37 20.65 -41.58
C GLY A 91 24.85 20.81 -41.85
N LYS A 92 25.60 21.38 -40.90
CA LYS A 92 27.05 21.65 -41.06
C LYS A 92 27.87 20.92 -39.98
N GLU A 93 29.19 20.94 -40.10
CA GLU A 93 30.09 20.39 -39.06
C GLU A 93 29.79 18.93 -38.79
N LYS A 94 29.55 18.19 -39.84
CA LYS A 94 29.20 16.76 -39.70
C LYS A 94 30.43 15.96 -39.32
N GLN A 95 30.35 15.25 -38.22
CA GLN A 95 31.41 14.30 -37.81
C GLN A 95 31.07 12.89 -38.31
N VAL A 96 32.06 12.17 -38.78
CA VAL A 96 31.94 10.72 -39.09
C VAL A 96 32.07 10.00 -37.78
N VAL A 97 31.10 9.14 -37.47
N VAL A 97 31.09 9.14 -37.51
CA VAL A 97 31.09 8.37 -36.21
CA VAL A 97 30.97 8.35 -36.25
C VAL A 97 31.14 6.89 -36.54
C VAL A 97 31.15 6.86 -36.59
N HIS A 98 32.06 6.20 -35.89
CA HIS A 98 32.19 4.74 -36.01
C HIS A 98 31.21 4.10 -35.05
N LEU A 99 30.33 3.27 -35.57
CA LEU A 99 29.37 2.52 -34.73
C LEU A 99 29.53 1.02 -34.94
N GLU A 100 29.69 0.30 -33.83
CA GLU A 100 29.80 -1.17 -33.86
C GLU A 100 28.37 -1.74 -33.81
N LYS A 101 28.09 -2.73 -34.65
CA LYS A 101 26.77 -3.42 -34.64
C LYS A 101 26.36 -3.77 -33.21
N GLY A 102 25.15 -3.33 -32.84
CA GLY A 102 24.49 -3.79 -31.61
C GLY A 102 24.96 -3.07 -30.36
N LYS A 103 25.81 -2.05 -30.51
CA LYS A 103 26.34 -1.30 -29.37
C LYS A 103 25.54 0.01 -29.21
N LEU A 104 24.83 0.17 -28.10
CA LEU A 104 23.97 1.34 -27.90
C LEU A 104 24.79 2.54 -27.43
N VAL A 105 24.63 3.70 -28.08
CA VAL A 105 25.29 4.95 -27.62
C VAL A 105 24.26 6.03 -27.42
N PRO A 106 24.47 6.92 -26.44
CA PRO A 106 23.53 8.01 -26.22
C PRO A 106 23.36 8.91 -27.45
N ILE A 107 22.13 9.33 -27.67
CA ILE A 107 21.80 10.27 -28.77
C ILE A 107 20.82 11.31 -28.22
N LYS A 108 21.00 12.56 -28.62
CA LYS A 108 20.08 13.68 -28.32
C LYS A 108 19.92 14.46 -29.61
N ILE A 109 18.70 14.64 -30.11
CA ILE A 109 18.40 15.41 -31.33
C ILE A 109 17.52 16.59 -30.93
N GLU A 110 17.91 17.80 -31.29
CA GLU A 110 17.07 19.00 -31.02
C GLU A 110 16.69 19.70 -32.31
N TYR A 111 15.46 20.20 -32.35
CA TYR A 111 14.86 20.84 -33.54
C TYR A 111 14.14 22.09 -33.09
N GLN A 112 14.38 23.20 -33.78
CA GLN A 112 13.67 24.47 -33.49
C GLN A 112 12.87 24.91 -34.72
N LEU A 113 11.67 25.41 -34.50
CA LEU A 113 10.80 25.94 -35.59
C LEU A 113 10.62 27.45 -35.44
N ASP A 114 10.39 28.19 -36.53
CA ASP A 114 10.23 29.67 -36.43
C ASP A 114 8.78 30.03 -36.11
N GLU A 115 7.85 29.10 -36.22
CA GLU A 115 6.45 29.32 -35.76
C GLU A 115 5.87 27.96 -35.39
N PRO A 116 4.81 27.92 -34.58
CA PRO A 116 4.23 26.65 -34.13
C PRO A 116 3.76 25.79 -35.31
N LEU A 117 4.01 24.49 -35.21
CA LEU A 117 3.60 23.49 -36.22
C LEU A 117 2.71 22.45 -35.53
N ASN A 118 1.56 22.17 -36.12
CA ASN A 118 0.63 21.16 -35.57
C ASN A 118 1.23 19.80 -35.93
N ILE A 119 1.13 18.85 -35.00
CA ILE A 119 1.66 17.46 -35.20
C ILE A 119 1.08 16.85 -36.48
N ASP A 120 -0.09 17.25 -36.93
CA ASP A 120 -0.74 16.69 -38.15
C ASP A 120 -0.26 17.41 -39.43
N ASP A 121 0.75 18.29 -39.38
CA ASP A 121 1.33 18.89 -40.62
C ASP A 121 2.13 17.84 -41.41
N GLU A 122 2.13 17.90 -42.75
CA GLU A 122 3.02 17.08 -43.62
C GLU A 122 4.46 16.98 -43.06
N LYS A 123 5.03 18.11 -42.62
CA LYS A 123 6.45 18.23 -42.23
C LYS A 123 6.70 17.36 -40.98
N PHE A 124 5.75 17.33 -40.06
CA PHE A 124 5.88 16.63 -38.76
C PHE A 124 5.84 15.13 -39.02
N LYS A 125 4.98 14.73 -39.94
CA LYS A 125 4.82 13.29 -40.29
C LYS A 125 6.06 12.84 -41.04
N GLY A 126 6.76 13.76 -41.70
CA GLY A 126 7.88 13.43 -42.59
C GLY A 126 9.21 13.30 -41.86
N PHE A 127 9.32 13.85 -40.65
CA PHE A 127 10.58 13.91 -39.88
C PHE A 127 11.13 12.50 -39.75
N LYS A 128 12.38 12.39 -40.17
CA LYS A 128 13.11 11.13 -39.95
C LYS A 128 14.55 11.45 -39.62
N LEU A 129 15.22 10.45 -39.05
CA LEU A 129 16.67 10.46 -38.82
C LEU A 129 17.31 9.56 -39.87
N LEU A 130 18.32 10.07 -40.57
CA LEU A 130 18.98 9.33 -41.67
C LEU A 130 20.45 9.11 -41.28
N LYS A 131 20.95 7.94 -41.66
CA LYS A 131 22.35 7.50 -41.50
C LYS A 131 22.96 7.44 -42.90
N VAL A 132 24.10 8.08 -43.08
CA VAL A 132 24.78 8.06 -44.40
C VAL A 132 26.05 7.25 -44.24
N ASP A 133 26.19 6.18 -45.00
CA ASP A 133 27.36 5.28 -44.90
C ASP A 133 28.53 5.87 -45.71
N ASN A 134 29.64 5.15 -45.71
CA ASN A 134 30.90 5.48 -46.44
C ASN A 134 30.65 5.71 -47.96
N GLN A 135 29.62 5.10 -48.57
CA GLN A 135 29.28 5.34 -50.02
C GLN A 135 28.47 6.62 -50.20
N LYS A 136 28.14 7.32 -49.12
CA LYS A 136 27.16 8.44 -49.11
C LYS A 136 25.80 7.86 -49.53
N GLN A 137 25.61 6.56 -49.32
CA GLN A 137 24.28 5.88 -49.38
C GLN A 137 23.49 6.14 -48.09
N LEU A 138 22.27 6.61 -48.29
CA LEU A 138 21.37 7.15 -47.25
C LEU A 138 20.46 6.01 -46.75
N HIS A 139 20.30 5.87 -45.44
CA HIS A 139 19.41 4.87 -44.81
C HIS A 139 18.57 5.56 -43.74
N GLN A 140 17.27 5.33 -43.72
CA GLN A 140 16.48 5.77 -42.55
C GLN A 140 16.93 4.92 -41.36
N VAL A 141 17.15 5.57 -40.21
CA VAL A 141 17.42 4.83 -38.96
C VAL A 141 16.11 4.13 -38.53
N GLN A 142 16.20 2.83 -38.35
CA GLN A 142 15.02 1.96 -38.10
C GLN A 142 14.64 1.96 -36.62
N GLN A 143 13.41 1.58 -36.32
CA GLN A 143 12.94 1.49 -34.91
C GLN A 143 13.86 0.60 -34.07
N ASP A 144 14.31 -0.53 -34.61
CA ASP A 144 15.17 -1.47 -33.82
C ASP A 144 16.57 -0.88 -33.64
N GLU A 145 16.91 0.20 -34.33
CA GLU A 145 18.21 0.87 -34.11
C GLU A 145 18.09 1.85 -32.95
N LEU A 146 16.89 2.07 -32.40
CA LEU A 146 16.68 3.15 -31.41
C LEU A 146 16.15 2.57 -30.10
N ARG A 147 16.62 3.10 -28.98
CA ARG A 147 16.03 2.73 -27.67
C ARG A 147 15.81 3.99 -26.84
N ASN A 148 14.82 3.91 -25.98
CA ASN A 148 14.59 4.92 -24.95
C ASN A 148 15.79 4.95 -24.01
N PRO A 149 15.95 6.04 -23.24
CA PRO A 149 16.91 6.02 -22.14
C PRO A 149 16.67 4.83 -21.22
N GLU A 150 17.75 4.28 -20.70
CA GLU A 150 17.66 3.20 -19.71
C GLU A 150 17.28 3.87 -18.38
N PHE A 151 15.99 3.99 -18.13
CA PHE A 151 15.45 4.92 -17.09
C PHE A 151 16.09 4.67 -15.72
N ASN A 152 16.31 3.42 -15.32
CA ASN A 152 16.81 3.14 -13.95
C ASN A 152 18.32 3.31 -13.78
N LYS A 153 19.05 3.69 -14.83
CA LYS A 153 20.52 3.86 -14.70
C LYS A 153 20.85 5.31 -14.33
N LYS A 154 21.77 5.49 -13.38
CA LYS A 154 22.24 6.83 -12.98
C LYS A 154 22.78 7.60 -14.19
N GLU A 155 23.54 7.00 -15.12
CA GLU A 155 24.14 7.73 -16.28
C GLU A 155 23.00 8.28 -17.15
N SER A 156 21.89 7.55 -17.26
CA SER A 156 20.74 7.97 -18.10
C SER A 156 20.03 9.12 -17.40
N GLN A 157 19.87 9.01 -16.08
CA GLN A 157 19.23 10.11 -15.30
C GLN A 157 20.08 11.38 -15.44
N GLU A 158 21.40 11.25 -15.42
CA GLU A 158 22.30 12.42 -15.56
C GLU A 158 22.10 13.05 -16.95
N PHE A 159 21.94 12.22 -17.96
CA PHE A 159 21.79 12.64 -19.38
C PHE A 159 20.47 13.40 -19.55
N LEU A 160 19.36 12.86 -19.00
CA LEU A 160 18.05 13.52 -19.06
C LEU A 160 18.08 14.83 -18.25
N ALA A 161 18.63 14.81 -17.03
CA ALA A 161 18.65 16.00 -16.16
C ALA A 161 19.42 17.12 -16.88
N LYS A 162 20.59 16.78 -17.44
CA LYS A 162 21.40 17.77 -18.15
C LYS A 162 20.64 18.34 -19.35
N ALA A 163 19.98 17.49 -20.14
CA ALA A 163 19.25 17.91 -21.35
C ALA A 163 18.14 18.88 -20.95
N SER A 164 17.59 18.74 -19.75
CA SER A 164 16.44 19.59 -19.33
C SER A 164 16.88 21.02 -18.97
N LYS A 165 18.18 21.26 -18.78
CA LYS A 165 18.70 22.53 -18.21
C LYS A 165 19.48 23.32 -19.25
N ILE A 166 19.68 22.78 -20.43
CA ILE A 166 20.44 23.48 -21.50
C ILE A 166 19.97 22.96 -22.84
N ASN A 167 20.23 23.68 -23.92
CA ASN A 167 19.92 23.13 -25.26
C ASN A 167 21.11 23.39 -26.17
N LEU A 168 21.13 22.66 -27.28
CA LEU A 168 22.28 22.64 -28.21
C LEU A 168 22.34 23.93 -29.06
N PHE A 169 21.28 24.74 -29.09
CA PHE A 169 21.21 25.99 -29.91
C PHE A 169 21.85 27.16 -29.16
N THR A 170 21.46 27.44 -27.92
CA THR A 170 21.98 28.60 -27.15
C THR A 170 23.07 28.22 -26.16
N LYS A 171 23.15 26.97 -25.73
CA LYS A 171 24.30 26.50 -24.90
C LYS A 171 24.45 27.38 -23.66
N LYS A 172 23.34 27.73 -23.01
CA LYS A 172 23.32 28.59 -21.78
C LYS A 172 22.52 27.84 -20.72
N ILE A 173 23.16 27.37 -19.65
CA ILE A 173 22.45 26.62 -18.56
C ILE A 173 21.34 27.51 -18.00
N LYS A 174 20.14 26.95 -17.82
CA LYS A 174 18.97 27.65 -17.22
C LYS A 174 19.33 28.06 -15.78
N ARG A 175 18.99 29.29 -15.39
CA ARG A 175 19.33 29.82 -14.05
C ARG A 175 18.31 29.27 -13.02
N ASP A 176 17.06 29.04 -13.41
CA ASP A 176 16.04 28.60 -12.41
C ASP A 176 15.17 27.47 -13.00
N ILE A 177 14.26 26.94 -12.18
CA ILE A 177 13.35 25.83 -12.59
C ILE A 177 12.33 26.42 -13.55
N ASP A 178 12.06 25.75 -14.68
CA ASP A 178 10.93 26.11 -15.57
C ASP A 178 10.12 24.86 -15.85
N GLU A 179 9.18 24.96 -16.79
CA GLU A 179 8.25 23.82 -17.08
C GLU A 179 8.92 22.78 -18.01
N GLY A 180 10.25 22.81 -18.18
CA GLY A 180 11.01 21.72 -18.80
C GLY A 180 12.02 21.07 -17.86
N THR A 181 12.38 21.71 -16.76
CA THR A 181 13.44 21.20 -15.86
C THR A 181 13.11 19.79 -15.33
N ASP A 182 14.10 18.88 -15.30
CA ASP A 182 13.96 17.49 -14.78
C ASP A 182 15.17 17.18 -13.87
N THR A 183 15.18 17.76 -12.69
CA THR A 183 16.30 17.73 -11.74
C THR A 183 16.76 16.29 -11.44
N ASP A 184 15.82 15.35 -11.27
CA ASP A 184 16.23 13.99 -10.87
C ASP A 184 16.42 13.09 -12.08
N GLY A 185 16.20 13.59 -13.31
CA GLY A 185 16.42 12.81 -14.52
C GLY A 185 15.54 11.58 -14.64
N ASP A 186 14.35 11.60 -14.03
CA ASP A 186 13.41 10.45 -14.19
C ASP A 186 12.47 10.63 -15.38
N SER A 187 12.65 11.69 -16.17
CA SER A 187 11.97 11.99 -17.44
C SER A 187 10.84 12.98 -17.22
N ILE A 188 10.30 13.06 -16.01
CA ILE A 188 9.10 13.87 -15.75
C ILE A 188 9.53 15.22 -15.17
N PRO A 189 9.13 16.35 -15.77
CA PRO A 189 9.56 17.63 -15.25
C PRO A 189 9.20 17.89 -13.79
N ASP A 190 10.08 18.58 -13.07
CA ASP A 190 9.89 18.89 -11.63
C ASP A 190 8.48 19.45 -11.40
N MET A 191 8.04 20.41 -12.21
N MET A 191 8.07 20.43 -12.22
CA MET A 191 6.76 21.11 -11.95
CA MET A 191 6.78 21.14 -12.01
C MET A 191 5.59 20.14 -12.21
C MET A 191 5.63 20.13 -12.18
N TRP A 192 5.74 19.21 -13.14
CA TRP A 192 4.68 18.19 -13.35
C TRP A 192 4.65 17.28 -12.11
N GLU A 193 5.82 16.86 -11.62
CA GLU A 193 5.84 15.95 -10.44
C GLU A 193 5.18 16.64 -9.24
N GLU A 194 5.34 17.97 -9.10
CA GLU A 194 4.77 18.69 -7.94
C GLU A 194 3.28 18.94 -8.15
N ASN A 195 2.90 19.38 -9.33
CA ASN A 195 1.53 19.94 -9.54
C ASN A 195 0.59 18.91 -10.16
N GLY A 196 1.14 17.86 -10.72
CA GLY A 196 0.32 16.77 -11.30
C GLY A 196 0.62 16.46 -12.74
N TYR A 197 0.51 15.18 -13.08
CA TYR A 197 0.65 14.70 -14.46
C TYR A 197 -0.19 13.45 -14.61
N THR A 198 -0.45 13.07 -15.83
CA THR A 198 -0.98 11.71 -16.09
C THR A 198 -0.25 11.10 -17.28
N ILE A 199 -0.35 9.78 -17.37
CA ILE A 199 0.31 9.03 -18.44
C ILE A 199 -0.69 8.01 -18.95
N GLN A 200 -0.86 7.92 -20.23
CA GLN A 200 -1.68 6.86 -20.87
C GLN A 200 -0.96 6.32 -22.09
N ASN A 201 -0.77 4.99 -22.17
CA ASN A 201 -0.02 4.37 -23.31
C ASN A 201 1.30 5.14 -23.48
N ARG A 202 1.95 5.46 -22.36
CA ARG A 202 3.28 6.12 -22.29
C ARG A 202 3.27 7.51 -22.93
N ILE A 203 2.12 8.13 -23.08
CA ILE A 203 2.06 9.58 -23.39
C ILE A 203 1.82 10.32 -22.09
N ALA A 204 2.72 11.22 -21.71
CA ALA A 204 2.64 11.99 -20.46
C ALA A 204 2.30 13.46 -20.78
N VAL A 205 1.38 14.01 -19.99
CA VAL A 205 0.96 15.43 -20.06
C VAL A 205 0.83 15.98 -18.66
N LYS A 206 0.85 17.30 -18.56
CA LYS A 206 0.54 18.02 -17.32
C LYS A 206 -0.93 17.80 -16.96
N TRP A 207 -1.21 17.69 -15.68
CA TRP A 207 -2.61 17.55 -15.23
C TRP A 207 -3.45 18.78 -15.58
N ASN A 208 -4.69 18.53 -15.99
CA ASN A 208 -5.78 19.51 -16.27
C ASN A 208 -7.04 18.94 -15.64
N ASP A 209 -7.93 19.77 -15.11
CA ASP A 209 -9.12 19.19 -14.43
C ASP A 209 -10.02 18.55 -15.49
N SER A 210 -9.88 18.88 -16.78
CA SER A 210 -10.68 18.18 -17.83
C SER A 210 -10.32 16.68 -17.90
N LEU A 211 -9.15 16.28 -17.43
CA LEU A 211 -8.76 14.85 -17.43
C LEU A 211 -9.47 14.06 -16.31
N ALA A 212 -10.04 14.67 -15.26
CA ALA A 212 -10.75 13.93 -14.19
C ALA A 212 -11.96 13.18 -14.75
N SER A 213 -12.85 13.86 -15.48
CA SER A 213 -14.10 13.31 -16.05
C SER A 213 -13.80 12.14 -16.99
N LYS A 214 -12.59 12.13 -17.60
CA LYS A 214 -12.20 11.07 -18.57
C LYS A 214 -11.63 9.88 -17.79
N GLY A 215 -11.49 10.04 -16.47
CA GLY A 215 -11.16 8.94 -15.54
C GLY A 215 -9.67 8.74 -15.39
N TYR A 216 -8.84 9.65 -15.90
CA TYR A 216 -7.37 9.54 -15.80
C TYR A 216 -6.94 9.77 -14.36
N THR A 217 -5.83 9.16 -13.97
CA THR A 217 -5.28 9.31 -12.62
C THR A 217 -4.34 10.51 -12.58
N LYS A 218 -4.48 11.35 -11.57
CA LYS A 218 -3.52 12.44 -11.29
C LYS A 218 -2.38 11.89 -10.46
N PHE A 219 -1.21 11.85 -11.06
CA PHE A 219 0.01 11.46 -10.32
C PHE A 219 0.75 12.71 -9.82
N VAL A 220 1.33 12.58 -8.63
CA VAL A 220 2.35 13.50 -8.08
C VAL A 220 3.47 12.62 -7.55
N SER A 221 4.66 13.16 -7.55
CA SER A 221 5.86 12.42 -7.14
C SER A 221 6.95 13.41 -6.72
N ASN A 222 8.04 12.90 -6.16
CA ASN A 222 9.11 13.76 -5.60
C ASN A 222 9.96 14.27 -6.76
N PRO A 223 10.02 15.58 -7.04
CA PRO A 223 10.87 16.06 -8.16
C PRO A 223 12.38 15.89 -7.93
N LEU A 224 12.77 15.57 -6.70
CA LEU A 224 14.21 15.48 -6.35
C LEU A 224 14.65 14.02 -6.18
N ASP A 225 13.79 13.05 -6.52
CA ASP A 225 14.14 11.62 -6.34
C ASP A 225 13.50 10.80 -7.46
N SER A 226 14.32 10.06 -8.22
CA SER A 226 13.82 9.19 -9.31
C SER A 226 13.02 8.01 -8.74
N HIS A 227 13.21 7.69 -7.46
CA HIS A 227 12.46 6.61 -6.78
C HIS A 227 11.81 7.17 -5.51
N THR A 228 10.64 7.80 -5.68
CA THR A 228 9.99 8.50 -4.55
C THR A 228 9.83 7.57 -3.34
N VAL A 229 9.48 6.29 -3.54
CA VAL A 229 9.30 5.32 -2.40
C VAL A 229 10.41 4.29 -2.37
N GLY A 230 11.47 4.44 -3.15
CA GLY A 230 12.69 3.63 -2.95
C GLY A 230 12.60 2.22 -3.51
N ASP A 231 11.56 1.91 -4.28
CA ASP A 231 11.36 0.53 -4.77
C ASP A 231 12.18 0.37 -6.04
N PRO A 232 12.19 -0.84 -6.65
CA PRO A 232 13.09 -1.06 -7.78
C PRO A 232 12.83 -0.23 -9.03
N TYR A 233 11.71 0.48 -9.07
CA TYR A 233 11.19 1.08 -10.30
C TYR A 233 11.21 2.59 -10.14
N THR A 234 11.53 3.30 -11.21
CA THR A 234 11.48 4.79 -11.14
C THR A 234 10.02 5.29 -11.06
N ASP A 235 9.85 6.55 -10.67
CA ASP A 235 8.52 7.20 -10.65
C ASP A 235 7.87 7.02 -12.02
N TYR A 236 8.62 7.22 -13.09
CA TYR A 236 8.09 7.13 -14.46
C TYR A 236 7.74 5.68 -14.83
N GLU A 237 8.60 4.74 -14.47
CA GLU A 237 8.31 3.32 -14.80
C GLU A 237 6.98 2.92 -14.10
N LYS A 238 6.81 3.37 -12.88
CA LYS A 238 5.58 3.06 -12.11
C LYS A 238 4.34 3.73 -12.76
N ALA A 239 4.39 5.03 -12.98
CA ALA A 239 3.22 5.77 -13.48
C ALA A 239 2.87 5.31 -14.89
N SER A 240 3.89 4.97 -15.70
CA SER A 240 3.74 4.55 -17.12
C SER A 240 3.36 3.06 -17.23
N ARG A 241 3.37 2.31 -16.13
CA ARG A 241 3.12 0.86 -16.09
C ARG A 241 4.15 0.09 -16.90
N ASP A 242 5.38 0.57 -16.95
CA ASP A 242 6.45 -0.03 -17.76
C ASP A 242 7.26 -0.89 -16.81
N LEU A 243 6.61 -1.88 -16.24
CA LEU A 243 7.20 -2.75 -15.19
C LEU A 243 6.45 -4.08 -15.20
N ASP A 244 6.99 -5.03 -14.46
CA ASP A 244 6.39 -6.37 -14.32
C ASP A 244 4.94 -6.18 -13.88
N LEU A 245 3.99 -6.56 -14.71
CA LEU A 245 2.57 -6.34 -14.40
C LEU A 245 2.05 -7.38 -13.40
N SER A 246 2.89 -8.32 -12.93
CA SER A 246 2.60 -9.19 -11.76
C SER A 246 2.57 -8.40 -10.45
N ASN A 247 3.26 -7.26 -10.41
CA ASN A 247 3.17 -6.37 -9.25
C ASN A 247 1.72 -5.89 -9.15
N ALA A 248 1.28 -5.59 -7.94
CA ALA A 248 -0.13 -5.20 -7.73
C ALA A 248 -0.41 -3.85 -8.42
N LYS A 249 -1.63 -3.65 -8.87
CA LYS A 249 -1.93 -2.44 -9.69
C LYS A 249 -1.72 -1.16 -8.85
N GLU A 250 -1.86 -1.20 -7.52
CA GLU A 250 -1.60 -0.01 -6.68
C GLU A 250 -0.14 0.47 -6.81
N THR A 251 0.77 -0.40 -7.21
CA THR A 251 2.20 -0.03 -7.37
C THR A 251 2.43 0.74 -8.67
N PHE A 252 1.43 0.89 -9.53
CA PHE A 252 1.49 1.69 -10.77
C PHE A 252 1.15 3.13 -10.41
N ASN A 253 1.58 3.55 -9.23
CA ASN A 253 1.45 4.90 -8.63
C ASN A 253 2.78 5.15 -7.92
N PRO A 254 3.49 6.24 -8.24
CA PRO A 254 4.77 6.54 -7.58
C PRO A 254 4.75 6.55 -6.05
N LEU A 255 3.56 6.72 -5.43
CA LEU A 255 3.49 6.86 -3.96
C LEU A 255 3.21 5.53 -3.25
N VAL A 256 3.08 4.43 -3.98
CA VAL A 256 2.84 3.09 -3.37
C VAL A 256 3.97 2.14 -3.79
N ALA A 257 4.76 1.66 -2.85
CA ALA A 257 5.90 0.75 -3.15
C ALA A 257 5.36 -0.59 -3.62
N ALA A 258 6.10 -1.18 -4.55
CA ALA A 258 6.11 -2.63 -4.79
C ALA A 258 7.00 -3.23 -3.73
N PHE A 259 6.45 -4.11 -2.89
CA PHE A 259 7.19 -4.65 -1.75
C PHE A 259 6.52 -5.96 -1.38
N PRO A 260 7.17 -7.11 -1.56
CA PRO A 260 6.55 -8.38 -1.17
C PRO A 260 6.58 -8.49 0.36
N SER A 261 5.69 -9.35 0.87
CA SER A 261 5.79 -9.73 2.29
C SER A 261 5.40 -11.20 2.43
N VAL A 262 6.38 -12.08 2.45
CA VAL A 262 6.08 -13.52 2.49
C VAL A 262 5.99 -13.97 3.95
N ASN A 263 4.88 -14.61 4.29
CA ASN A 263 4.72 -15.22 5.63
C ASN A 263 4.25 -16.67 5.41
N VAL A 264 4.20 -17.37 6.52
CA VAL A 264 3.71 -18.77 6.58
C VAL A 264 2.61 -18.84 7.63
N SER A 265 1.53 -19.52 7.24
CA SER A 265 0.42 -19.85 8.14
C SER A 265 0.28 -21.36 8.24
N MET A 266 -0.43 -21.81 9.28
CA MET A 266 -0.67 -23.26 9.55
C MET A 266 -2.16 -23.53 9.45
N GLU A 267 -2.48 -24.73 8.97
CA GLU A 267 -3.87 -25.22 8.78
C GLU A 267 -3.90 -26.68 9.21
N LYS A 268 -5.07 -27.15 9.58
CA LYS A 268 -5.29 -28.60 9.92
C LYS A 268 -4.26 -29.03 10.95
N VAL A 269 -4.22 -28.26 12.02
CA VAL A 269 -3.27 -28.45 13.15
C VAL A 269 -3.82 -29.56 14.04
N ILE A 270 -2.98 -30.57 14.29
CA ILE A 270 -3.35 -31.70 15.18
C ILE A 270 -2.28 -31.92 16.24
N LEU A 271 -2.68 -32.58 17.35
CA LEU A 271 -1.76 -33.04 18.40
C LEU A 271 -2.07 -34.52 18.69
N SER A 272 -1.04 -35.32 18.86
CA SER A 272 -1.17 -36.73 19.27
C SER A 272 -0.19 -37.03 20.39
N PRO A 273 -0.52 -37.96 21.31
CA PRO A 273 0.46 -38.42 22.29
C PRO A 273 1.40 -39.43 21.66
N ASN A 274 1.11 -39.88 20.44
CA ASN A 274 1.86 -40.95 19.72
C ASN A 274 2.74 -40.33 18.64
N LYS A 275 3.99 -40.77 18.57
CA LYS A 275 4.92 -40.37 17.48
C LYS A 275 4.32 -40.65 16.11
N ASN A 276 3.55 -41.74 15.95
CA ASN A 276 2.96 -42.14 14.65
C ASN A 276 1.66 -41.37 14.38
N LEU A 277 1.28 -40.46 15.28
CA LEU A 277 0.11 -39.53 15.17
C LEU A 277 -1.22 -40.25 15.19
N SER A 278 -1.23 -41.52 15.59
CA SER A 278 -2.51 -42.22 15.81
C SER A 278 -3.28 -41.52 16.94
N ASN A 279 -4.61 -41.60 16.86
CA ASN A 279 -5.53 -41.00 17.86
C ASN A 279 -5.19 -39.52 18.04
N SER A 280 -5.03 -38.83 16.92
CA SER A 280 -4.82 -37.36 16.91
C SER A 280 -6.08 -36.63 17.43
N VAL A 281 -5.86 -35.53 18.13
CA VAL A 281 -6.85 -34.48 18.47
C VAL A 281 -6.78 -33.39 17.41
N GLU A 282 -7.93 -32.97 16.89
CA GLU A 282 -8.01 -31.91 15.89
C GLU A 282 -8.31 -30.61 16.62
N SER A 283 -8.33 -29.50 15.89
CA SER A 283 -8.44 -28.18 16.53
C SER A 283 -9.29 -27.24 15.68
N HIS A 284 -9.89 -26.28 16.37
CA HIS A 284 -10.47 -25.07 15.72
C HIS A 284 -9.41 -23.99 15.67
N SER A 285 -8.31 -24.25 14.99
CA SER A 285 -7.13 -23.37 15.00
C SER A 285 -7.45 -22.05 14.29
N SER A 286 -6.72 -21.03 14.68
CA SER A 286 -6.85 -19.73 14.04
C SER A 286 -5.46 -19.13 13.78
N THR A 287 -5.35 -18.42 12.65
CA THR A 287 -4.18 -17.59 12.35
C THR A 287 -4.48 -16.16 12.79
N ASN A 288 -3.65 -15.63 13.68
CA ASN A 288 -3.75 -14.23 14.14
C ASN A 288 -2.59 -13.45 13.50
N TRP A 289 -2.88 -12.76 12.41
CA TRP A 289 -1.83 -12.19 11.54
C TRP A 289 -1.00 -11.19 12.36
N SER A 290 -1.65 -10.29 13.10
CA SER A 290 -1.07 -9.07 13.74
C SER A 290 -0.97 -9.21 15.26
N TYR A 291 -0.89 -10.45 15.75
CA TYR A 291 -0.89 -10.79 17.20
C TYR A 291 0.00 -9.87 18.03
N THR A 292 1.28 -9.68 17.67
N THR A 292 1.25 -9.73 17.55
CA THR A 292 2.23 -8.94 18.54
CA THR A 292 2.34 -8.96 18.16
C THR A 292 1.82 -7.45 18.58
C THR A 292 1.89 -7.52 18.47
N ASN A 293 1.06 -6.99 17.56
CA ASN A 293 0.70 -5.57 17.47
C ASN A 293 -0.51 -5.27 18.36
N THR A 294 -1.25 -6.31 18.79
CA THR A 294 -2.52 -6.11 19.52
C THR A 294 -2.45 -6.73 20.90
N GLU A 295 -1.79 -7.88 21.04
CA GLU A 295 -1.97 -8.63 22.30
C GLU A 295 -1.15 -7.86 23.37
N GLY A 296 -1.78 -7.49 24.48
CA GLY A 296 -1.11 -6.75 25.58
C GLY A 296 -0.91 -5.28 25.27
N ALA A 297 -1.47 -4.76 24.18
CA ALA A 297 -1.27 -3.34 23.82
C ALA A 297 -1.87 -2.46 24.92
N SER A 298 -1.32 -1.25 25.09
CA SER A 298 -1.87 -0.21 25.98
C SER A 298 -2.73 0.71 25.13
N VAL A 299 -3.83 1.16 25.68
CA VAL A 299 -4.72 2.06 24.90
C VAL A 299 -4.48 3.47 25.39
N GLU A 300 -4.27 4.38 24.45
CA GLU A 300 -4.16 5.83 24.72
C GLU A 300 -5.43 6.50 24.21
N ALA A 301 -6.15 7.18 25.11
CA ALA A 301 -7.46 7.76 24.75
C ALA A 301 -7.49 9.27 25.02
N GLY A 302 -8.61 9.88 24.67
CA GLY A 302 -8.81 11.33 24.88
C GLY A 302 -7.87 12.13 23.99
N ILE A 303 -7.60 11.65 22.79
CA ILE A 303 -6.58 12.31 21.91
C ILE A 303 -7.28 13.44 21.15
N GLY A 304 -6.80 14.65 21.44
CA GLY A 304 -7.23 15.88 20.78
C GLY A 304 -8.68 16.20 21.11
N PRO A 305 -9.20 17.26 20.48
CA PRO A 305 -10.58 17.68 20.76
C PRO A 305 -11.70 16.73 20.34
N LYS A 306 -11.41 15.75 19.49
CA LYS A 306 -12.40 14.78 18.97
C LYS A 306 -12.30 13.49 19.81
N GLY A 307 -11.30 13.43 20.69
CA GLY A 307 -11.20 12.39 21.73
C GLY A 307 -11.10 11.01 21.14
N PHE A 308 -10.29 10.79 20.10
CA PHE A 308 -10.10 9.42 19.55
C PHE A 308 -9.11 8.63 20.42
N SER A 309 -8.89 7.37 20.05
CA SER A 309 -8.00 6.48 20.83
C SER A 309 -7.23 5.54 19.90
N PHE A 310 -6.18 4.94 20.42
CA PHE A 310 -5.45 3.90 19.66
C PHE A 310 -4.73 3.00 20.67
N GLY A 311 -4.35 1.84 20.18
CA GLY A 311 -3.49 0.91 20.91
C GLY A 311 -2.03 1.15 20.59
N VAL A 312 -1.18 0.87 21.55
CA VAL A 312 0.30 0.98 21.41
C VAL A 312 0.89 -0.37 21.78
N SER A 313 1.61 -0.95 20.84
CA SER A 313 2.39 -2.19 21.07
C SER A 313 3.84 -1.82 21.42
N ALA A 314 4.42 -2.49 22.39
CA ALA A 314 5.86 -2.46 22.74
C ALA A 314 6.64 -3.47 21.89
N ASN A 315 5.96 -4.36 21.14
CA ASN A 315 6.56 -5.43 20.31
C ASN A 315 5.99 -5.39 18.90
N TYR A 316 6.06 -4.24 18.25
CA TYR A 316 5.44 -4.08 16.93
C TYR A 316 6.23 -4.89 15.92
N GLN A 317 5.55 -5.69 15.13
CA GLN A 317 6.17 -6.51 14.07
C GLN A 317 5.36 -6.39 12.78
N HIS A 318 6.04 -6.53 11.66
CA HIS A 318 5.41 -6.43 10.33
C HIS A 318 4.82 -7.78 9.93
N SER A 319 4.27 -7.88 8.75
CA SER A 319 3.35 -8.98 8.35
C SER A 319 4.10 -10.30 8.08
N GLU A 320 5.44 -10.32 8.09
CA GLU A 320 6.19 -11.60 7.98
C GLU A 320 6.11 -12.41 9.28
N THR A 321 5.58 -11.84 10.35
CA THR A 321 5.37 -12.48 11.66
C THR A 321 3.88 -12.81 11.79
N VAL A 322 3.58 -14.06 12.13
CA VAL A 322 2.20 -14.63 12.21
C VAL A 322 2.08 -15.40 13.51
N ALA A 323 0.94 -15.34 14.18
CA ALA A 323 0.64 -16.24 15.32
C ALA A 323 -0.35 -17.33 14.93
N GLN A 324 -0.05 -18.54 15.39
CA GLN A 324 -0.97 -19.68 15.27
C GLN A 324 -1.50 -20.06 16.65
N GLU A 325 -2.83 -20.04 16.78
CA GLU A 325 -3.54 -20.27 18.05
C GLU A 325 -4.30 -21.60 17.92
N TRP A 326 -4.19 -22.48 18.92
CA TRP A 326 -4.86 -23.81 18.89
C TRP A 326 -6.39 -23.64 18.83
N GLY A 327 -6.91 -22.66 19.54
CA GLY A 327 -8.34 -22.30 19.49
C GLY A 327 -9.14 -23.15 20.45
N ALA A 328 -9.33 -24.43 20.09
CA ALA A 328 -10.06 -25.43 20.90
C ALA A 328 -9.79 -26.83 20.35
N SER A 329 -9.84 -27.81 21.22
CA SER A 329 -9.67 -29.23 20.82
C SER A 329 -10.98 -29.76 20.23
N ILE A 330 -10.83 -30.67 19.27
CA ILE A 330 -11.91 -31.51 18.67
C ILE A 330 -11.47 -32.95 18.90
N GLY A 331 -12.18 -33.61 19.80
CA GLY A 331 -12.00 -35.05 20.05
C GLY A 331 -11.59 -35.27 21.48
N ASP A 332 -11.31 -36.53 21.83
CA ASP A 332 -11.03 -36.97 23.21
C ASP A 332 -9.57 -36.62 23.54
N THR A 333 -9.35 -35.74 24.52
CA THR A 333 -8.02 -35.29 24.98
C THR A 333 -7.55 -36.08 26.21
N THR A 334 -8.30 -37.10 26.65
CA THR A 334 -7.98 -37.86 27.88
C THR A 334 -6.50 -38.30 27.84
N GLN A 335 -6.13 -39.01 26.77
N GLN A 335 -6.10 -38.95 26.76
CA GLN A 335 -4.78 -39.60 26.58
CA GLN A 335 -4.75 -39.57 26.70
C GLN A 335 -3.77 -38.46 26.52
C GLN A 335 -3.71 -38.47 26.45
N LEU A 336 -4.01 -37.47 25.65
CA LEU A 336 -3.06 -36.36 25.40
C LEU A 336 -2.77 -35.65 26.73
N ASN A 337 -3.77 -35.55 27.61
CA ASN A 337 -3.60 -34.83 28.90
C ASN A 337 -2.72 -35.61 29.90
N THR A 338 -2.43 -36.89 29.69
CA THR A 338 -1.57 -37.66 30.63
C THR A 338 -0.17 -37.82 30.06
N ALA A 339 0.02 -37.49 28.79
CA ALA A 339 1.27 -37.80 28.05
C ALA A 339 2.47 -36.95 28.52
N SER A 340 3.69 -37.51 28.48
CA SER A 340 4.97 -36.80 28.81
C SER A 340 5.52 -36.00 27.63
N ALA A 341 4.97 -36.22 26.44
CA ALA A 341 5.35 -35.48 25.20
C ALA A 341 4.16 -35.51 24.25
N GLY A 342 4.07 -34.50 23.40
CA GLY A 342 3.04 -34.45 22.35
C GLY A 342 3.71 -34.29 21.01
N TYR A 343 2.98 -34.59 19.95
CA TYR A 343 3.49 -34.53 18.57
C TYR A 343 2.53 -33.72 17.74
N LEU A 344 3.03 -32.63 17.17
CA LEU A 344 2.21 -31.66 16.40
C LEU A 344 2.43 -31.87 14.90
N ASN A 345 1.36 -31.89 14.14
CA ASN A 345 1.42 -31.90 12.67
C ASN A 345 0.47 -30.81 12.17
N ALA A 346 0.76 -30.32 10.98
CA ALA A 346 -0.06 -29.28 10.36
C ALA A 346 0.29 -29.23 8.88
N ASN A 347 -0.55 -28.52 8.13
CA ASN A 347 -0.20 -28.07 6.78
C ASN A 347 0.27 -26.61 6.89
N VAL A 348 1.26 -26.29 6.08
CA VAL A 348 1.73 -24.89 5.99
C VAL A 348 1.38 -24.34 4.61
N ARG A 349 1.22 -23.04 4.60
CA ARG A 349 0.93 -22.29 3.37
C ARG A 349 1.77 -21.01 3.39
N TYR A 350 2.45 -20.75 2.29
CA TYR A 350 3.16 -19.46 2.07
C TYR A 350 2.17 -18.43 1.53
N ASN A 351 2.22 -17.24 2.08
CA ASN A 351 1.33 -16.15 1.61
C ASN A 351 2.16 -14.92 1.29
N ASN A 352 1.94 -14.35 0.11
CA ASN A 352 2.54 -13.03 -0.21
C ASN A 352 1.47 -12.00 0.10
N VAL A 353 1.63 -11.30 1.23
CA VAL A 353 0.59 -10.35 1.70
C VAL A 353 0.99 -8.90 1.38
N GLY A 354 2.06 -8.74 0.59
CA GLY A 354 2.50 -7.43 0.12
C GLY A 354 2.03 -7.16 -1.28
N THR A 355 2.59 -6.11 -1.91
CA THR A 355 2.19 -5.64 -3.24
C THR A 355 3.20 -6.01 -4.34
N GLY A 356 4.37 -6.53 -3.95
CA GLY A 356 5.43 -6.85 -4.93
C GLY A 356 5.51 -8.32 -5.28
N ALA A 357 5.66 -8.63 -6.57
CA ALA A 357 5.86 -10.01 -7.03
C ALA A 357 7.25 -10.47 -6.57
N ILE A 358 7.34 -11.68 -6.04
CA ILE A 358 8.67 -12.23 -5.62
C ILE A 358 8.91 -13.54 -6.36
N TYR A 359 10.14 -13.70 -6.86
CA TYR A 359 10.53 -14.90 -7.66
C TYR A 359 11.71 -15.61 -7.03
N ASP A 360 11.74 -16.92 -7.24
CA ASP A 360 12.90 -17.78 -6.92
C ASP A 360 13.31 -17.59 -5.45
N VAL A 361 12.34 -17.63 -4.56
CA VAL A 361 12.59 -17.42 -3.11
C VAL A 361 12.53 -18.77 -2.38
N LYS A 362 13.38 -18.89 -1.38
CA LYS A 362 13.39 -20.09 -0.51
C LYS A 362 13.32 -19.57 0.91
N PRO A 363 12.11 -19.26 1.41
CA PRO A 363 11.97 -18.56 2.67
C PRO A 363 12.43 -19.44 3.82
N THR A 364 12.95 -18.80 4.86
CA THR A 364 13.26 -19.46 6.13
C THR A 364 12.22 -19.06 7.17
N THR A 365 11.74 -20.04 7.94
CA THR A 365 10.67 -19.78 8.92
C THR A 365 11.06 -20.39 10.26
N SER A 366 11.06 -19.60 11.33
CA SER A 366 11.19 -20.14 12.70
C SER A 366 9.79 -20.35 13.26
N PHE A 367 9.65 -21.40 14.08
CA PHE A 367 8.43 -21.71 14.85
C PHE A 367 8.83 -21.58 16.32
N VAL A 368 8.28 -20.59 17.01
CA VAL A 368 8.73 -20.24 18.38
C VAL A 368 7.52 -20.26 19.30
N LEU A 369 7.66 -21.00 20.38
CA LEU A 369 6.60 -21.13 21.40
C LEU A 369 7.16 -20.64 22.72
N GLU A 370 6.58 -19.56 23.26
CA GLU A 370 7.02 -19.00 24.56
C GLU A 370 8.55 -18.90 24.56
N LYS A 371 9.08 -18.26 23.51
CA LYS A 371 10.51 -17.89 23.33
C LYS A 371 11.41 -19.07 22.95
N ASN A 372 10.90 -20.30 22.87
CA ASN A 372 11.70 -21.49 22.54
C ASN A 372 11.42 -21.90 21.09
N THR A 373 12.46 -22.10 20.30
CA THR A 373 12.30 -22.59 18.92
C THR A 373 11.89 -24.07 18.96
N ILE A 374 10.81 -24.40 18.28
CA ILE A 374 10.32 -25.81 18.19
C ILE A 374 10.53 -26.40 16.80
N ALA A 375 10.79 -25.57 15.78
CA ALA A 375 11.03 -26.08 14.42
C ALA A 375 11.53 -24.93 13.58
N THR A 376 12.18 -25.31 12.49
CA THR A 376 12.70 -24.36 11.51
C THR A 376 12.50 -24.96 10.13
N ILE A 377 11.96 -24.15 9.21
CA ILE A 377 12.02 -24.45 7.75
C ILE A 377 13.20 -23.67 7.16
N THR A 378 14.08 -24.37 6.46
CA THR A 378 15.27 -23.80 5.80
C THR A 378 15.09 -23.91 4.28
N ALA A 379 16.10 -23.47 3.54
CA ALA A 379 16.08 -23.63 2.08
C ALA A 379 15.90 -25.12 1.72
N LYS A 380 16.31 -26.05 2.59
CA LYS A 380 16.25 -27.51 2.33
C LYS A 380 14.85 -27.97 1.94
N SER A 381 13.78 -27.40 2.52
CA SER A 381 12.39 -27.82 2.23
C SER A 381 11.86 -27.27 0.89
N ASN A 382 12.54 -26.31 0.26
CA ASN A 382 12.07 -25.74 -1.05
C ASN A 382 13.23 -25.83 -2.05
N SER A 383 13.64 -27.06 -2.41
CA SER A 383 14.73 -27.27 -3.40
C SER A 383 14.29 -26.63 -4.72
N THR A 384 12.99 -26.67 -5.00
CA THR A 384 12.35 -25.90 -6.10
C THR A 384 11.92 -24.57 -5.45
N ALA A 385 12.61 -23.48 -5.76
CA ALA A 385 12.27 -22.16 -5.21
C ALA A 385 10.84 -21.77 -5.61
N LEU A 386 10.25 -20.89 -4.82
CA LEU A 386 8.84 -20.42 -4.97
C LEU A 386 8.81 -19.09 -5.71
N SER A 387 7.71 -18.87 -6.44
CA SER A 387 7.39 -17.55 -7.01
C SER A 387 5.94 -17.26 -6.64
N ILE A 388 5.71 -16.16 -5.94
CA ILE A 388 4.36 -15.87 -5.38
C ILE A 388 3.97 -14.43 -5.73
N SER A 389 2.85 -14.31 -6.43
CA SER A 389 2.25 -13.00 -6.80
C SER A 389 1.66 -12.34 -5.55
N PRO A 390 1.55 -11.00 -5.54
CA PRO A 390 0.93 -10.32 -4.42
C PRO A 390 -0.52 -10.79 -4.24
N GLY A 391 -0.88 -10.98 -2.97
CA GLY A 391 -2.21 -11.43 -2.56
C GLY A 391 -2.46 -12.88 -2.89
N GLU A 392 -1.42 -13.63 -3.27
CA GLU A 392 -1.60 -15.06 -3.57
C GLU A 392 -0.79 -15.90 -2.58
N SER A 393 -1.05 -17.19 -2.62
CA SER A 393 -0.42 -18.16 -1.73
C SER A 393 0.24 -19.27 -2.53
N TYR A 394 1.18 -19.96 -1.88
CA TYR A 394 1.67 -21.27 -2.35
C TYR A 394 1.60 -22.28 -1.21
N PRO A 395 0.92 -23.42 -1.39
CA PRO A 395 0.00 -23.69 -2.49
C PRO A 395 -1.11 -22.64 -2.61
N LYS A 396 -1.64 -22.54 -3.81
CA LYS A 396 -2.72 -21.58 -4.11
C LYS A 396 -3.96 -21.88 -3.26
N LYS A 397 -4.70 -20.87 -2.90
CA LYS A 397 -6.00 -20.99 -2.22
C LYS A 397 -6.87 -21.97 -3.00
N GLY A 398 -7.52 -22.89 -2.29
CA GLY A 398 -8.34 -23.96 -2.89
C GLY A 398 -7.58 -25.25 -3.04
N GLN A 399 -6.25 -25.21 -2.92
CA GLN A 399 -5.37 -26.39 -2.85
C GLN A 399 -4.99 -26.62 -1.38
N ASN A 400 -4.76 -27.87 -1.00
N ASN A 400 -4.80 -27.88 -0.98
CA ASN A 400 -4.30 -28.21 0.36
CA ASN A 400 -4.33 -28.20 0.39
C ASN A 400 -2.93 -27.55 0.58
C ASN A 400 -2.95 -27.57 0.59
N GLY A 401 -2.67 -27.14 1.83
CA GLY A 401 -1.33 -26.75 2.25
C GLY A 401 -0.38 -27.94 2.25
N ILE A 402 0.87 -27.66 2.57
CA ILE A 402 1.97 -28.64 2.53
C ILE A 402 2.05 -29.29 3.91
N ALA A 403 1.94 -30.62 4.01
CA ALA A 403 2.09 -31.27 5.32
C ALA A 403 3.52 -31.06 5.84
N ILE A 404 3.68 -30.63 7.08
CA ILE A 404 5.02 -30.49 7.73
C ILE A 404 5.77 -31.83 7.61
N THR A 405 5.07 -32.95 7.80
CA THR A 405 5.76 -34.26 7.76
C THR A 405 6.31 -34.58 6.36
N SER A 406 5.90 -33.86 5.32
CA SER A 406 6.34 -34.12 3.92
C SER A 406 7.55 -33.24 3.57
N MET A 407 7.87 -32.25 4.40
CA MET A 407 8.91 -31.25 4.05
C MET A 407 10.28 -31.75 4.50
N ASP A 408 11.28 -31.50 3.67
CA ASP A 408 12.60 -32.17 3.84
C ASP A 408 13.25 -31.82 5.19
N ASP A 409 12.99 -30.65 5.77
CA ASP A 409 13.58 -30.27 7.08
C ASP A 409 13.09 -31.20 8.19
N PHE A 410 11.94 -31.83 8.02
CA PHE A 410 11.31 -32.56 9.15
C PHE A 410 11.61 -34.07 9.13
N ASN A 411 12.17 -34.60 8.03
CA ASN A 411 12.65 -36.01 7.99
C ASN A 411 11.48 -36.96 8.29
N SER A 412 10.29 -36.64 7.79
CA SER A 412 9.05 -37.48 7.85
C SER A 412 8.48 -37.55 9.26
N HIS A 413 8.92 -36.68 10.16
CA HIS A 413 8.50 -36.68 11.58
C HIS A 413 7.73 -35.41 11.91
N PRO A 414 6.77 -35.53 12.84
CA PRO A 414 6.08 -34.37 13.38
C PRO A 414 6.98 -33.56 14.31
N ILE A 415 6.42 -32.48 14.85
CA ILE A 415 7.14 -31.57 15.79
C ILE A 415 6.94 -32.12 17.20
N THR A 416 8.02 -32.49 17.87
CA THR A 416 7.95 -32.93 19.27
C THR A 416 7.76 -31.72 20.20
N LEU A 417 6.81 -31.87 21.13
CA LEU A 417 6.59 -30.91 22.23
C LEU A 417 6.84 -31.59 23.57
N ASN A 418 7.62 -30.98 24.45
CA ASN A 418 7.75 -31.49 25.84
C ASN A 418 6.41 -31.30 26.57
N LYS A 419 6.28 -31.87 27.75
CA LYS A 419 5.00 -31.84 28.50
C LYS A 419 4.55 -30.39 28.70
N LYS A 420 5.44 -29.51 29.14
CA LYS A 420 5.10 -28.09 29.39
C LYS A 420 4.60 -27.43 28.09
N GLN A 421 5.27 -27.71 26.98
CA GLN A 421 4.98 -27.11 25.67
C GLN A 421 3.61 -27.59 25.17
N LEU A 422 3.33 -28.88 25.37
CA LEU A 422 2.03 -29.43 24.97
C LEU A 422 0.93 -28.66 25.73
N ASP A 423 1.12 -28.44 27.02
CA ASP A 423 0.15 -27.65 27.82
C ASP A 423 0.06 -26.20 27.30
N GLN A 424 1.18 -25.59 26.95
CA GLN A 424 1.20 -24.21 26.42
C GLN A 424 0.35 -24.15 25.14
N VAL A 425 0.51 -25.08 24.20
CA VAL A 425 -0.28 -25.02 22.94
C VAL A 425 -1.77 -25.20 23.28
N LEU A 426 -2.11 -26.18 24.10
CA LEU A 426 -3.53 -26.51 24.41
C LEU A 426 -4.18 -25.33 25.13
N THR A 427 -3.40 -24.47 25.80
CA THR A 427 -3.95 -23.32 26.56
C THR A 427 -3.84 -22.01 25.77
N ASN A 428 -3.63 -22.10 24.46
CA ASN A 428 -3.75 -20.95 23.51
C ASN A 428 -2.59 -19.99 23.68
N ASN A 429 -1.44 -20.48 24.11
CA ASN A 429 -0.19 -19.71 23.93
C ASN A 429 0.18 -19.89 22.46
N PRO A 430 0.54 -18.81 21.75
CA PRO A 430 0.70 -18.92 20.33
C PRO A 430 2.03 -19.53 19.89
N ILE A 431 1.98 -20.22 18.75
CA ILE A 431 3.20 -20.59 17.99
C ILE A 431 3.43 -19.42 17.05
N MET A 432 4.56 -18.76 17.24
CA MET A 432 4.92 -17.60 16.40
C MET A 432 5.74 -18.12 15.21
N LEU A 433 5.34 -17.73 14.01
CA LEU A 433 6.01 -18.06 12.73
C LEU A 433 6.61 -16.76 12.20
N GLU A 434 7.94 -16.73 12.13
CA GLU A 434 8.66 -15.55 11.60
C GLU A 434 9.38 -16.00 10.33
N THR A 435 9.08 -15.38 9.19
CA THR A 435 9.59 -15.77 7.86
C THR A 435 10.49 -14.68 7.31
N ASP A 436 11.57 -15.11 6.68
CA ASP A 436 12.55 -14.20 6.02
C ASP A 436 12.64 -14.57 4.53
N GLN A 437 12.83 -13.62 3.59
CA GLN A 437 12.69 -13.77 2.09
C GLN A 437 13.93 -13.25 1.34
N THR A 438 15.17 -13.47 1.86
CA THR A 438 16.46 -12.80 1.44
C THR A 438 17.09 -13.27 0.12
N ASP A 439 16.61 -14.31 -0.56
CA ASP A 439 17.10 -14.65 -1.92
C ASP A 439 16.08 -14.29 -3.01
N GLY A 440 14.88 -13.86 -2.65
CA GLY A 440 13.84 -13.60 -3.66
C GLY A 440 14.22 -12.42 -4.51
N ILE A 441 13.86 -12.46 -5.79
CA ILE A 441 14.23 -11.41 -6.77
C ILE A 441 12.99 -10.70 -7.34
N TYR A 442 13.24 -9.55 -7.95
CA TYR A 442 12.27 -8.80 -8.77
C TYR A 442 12.84 -8.75 -10.21
N LYS A 443 11.96 -8.43 -11.16
CA LYS A 443 12.33 -8.28 -12.58
C LYS A 443 12.32 -6.81 -13.00
N ILE A 444 13.25 -6.46 -13.90
CA ILE A 444 13.44 -5.10 -14.47
C ILE A 444 13.61 -5.24 -15.99
N LYS A 445 13.95 -4.13 -16.67
CA LYS A 445 14.32 -4.09 -18.12
C LYS A 445 15.79 -3.71 -18.25
N ASP A 446 16.49 -4.36 -19.18
CA ASP A 446 17.92 -4.06 -19.48
C ASP A 446 17.95 -3.03 -20.61
N THR A 447 19.15 -2.65 -21.04
CA THR A 447 19.34 -1.46 -21.91
C THR A 447 18.62 -1.64 -23.26
N HIS A 448 18.47 -2.87 -23.79
CA HIS A 448 17.71 -3.18 -25.05
C HIS A 448 16.19 -3.42 -24.76
N GLY A 449 15.73 -3.28 -23.52
CA GLY A 449 14.31 -3.48 -23.09
C GLY A 449 13.97 -4.94 -22.71
N ASN A 450 14.99 -5.77 -22.51
CA ASN A 450 14.80 -7.22 -22.25
C ASN A 450 14.39 -7.36 -20.80
N ILE A 451 13.51 -8.31 -20.46
CA ILE A 451 13.27 -8.62 -19.03
C ILE A 451 14.41 -9.48 -18.50
N VAL A 452 15.00 -8.98 -17.43
CA VAL A 452 16.10 -9.62 -16.68
C VAL A 452 15.69 -9.56 -15.21
N THR A 453 16.43 -10.32 -14.42
CA THR A 453 16.46 -10.24 -12.96
C THR A 453 17.15 -8.92 -12.62
N GLY A 454 16.54 -8.14 -11.75
CA GLY A 454 17.09 -6.80 -11.45
C GLY A 454 18.00 -6.87 -10.25
N GLY A 455 17.61 -7.71 -9.30
CA GLY A 455 18.31 -7.88 -8.03
C GLY A 455 17.43 -8.55 -7.00
N THR A 456 17.96 -8.66 -5.80
CA THR A 456 17.25 -9.26 -4.65
C THR A 456 16.40 -8.17 -4.02
N TRP A 457 15.24 -8.59 -3.53
CA TRP A 457 14.41 -7.69 -2.70
C TRP A 457 15.23 -7.13 -1.51
N ASN A 458 16.14 -7.93 -0.92
CA ASN A 458 16.95 -7.57 0.26
C ASN A 458 17.67 -6.27 -0.09
N GLY A 459 18.12 -6.13 -1.34
CA GLY A 459 18.94 -4.99 -1.77
C GLY A 459 18.19 -3.68 -1.85
N VAL A 460 16.84 -3.71 -1.86
CA VAL A 460 16.03 -2.46 -1.97
C VAL A 460 15.22 -2.25 -0.69
N THR A 461 15.21 -3.21 0.21
CA THR A 461 14.33 -3.14 1.40
C THR A 461 14.65 -1.93 2.28
N GLN A 462 15.94 -1.59 2.47
N GLN A 462 15.92 -1.72 2.62
CA GLN A 462 16.38 -0.41 3.28
CA GLN A 462 16.29 -0.64 3.58
C GLN A 462 15.77 0.86 2.70
C GLN A 462 15.92 0.72 2.95
N GLN A 463 15.99 1.15 1.43
N GLN A 463 16.00 0.85 1.62
CA GLN A 463 15.52 2.40 0.78
CA GLN A 463 15.63 2.10 0.88
C GLN A 463 13.99 2.43 0.82
C GLN A 463 14.11 2.32 0.97
N ILE A 464 13.31 1.29 0.71
CA ILE A 464 11.82 1.38 0.74
C ILE A 464 11.44 1.78 2.16
N LYS A 465 11.99 1.10 3.18
CA LYS A 465 11.59 1.42 4.57
C LYS A 465 11.92 2.88 4.89
N ALA A 466 13.03 3.44 4.38
CA ALA A 466 13.44 4.81 4.80
C ALA A 466 12.50 5.87 4.22
N LYS A 467 11.74 5.53 3.18
CA LYS A 467 10.96 6.49 2.40
C LYS A 467 9.46 6.26 2.58
N THR A 468 9.03 5.30 3.42
CA THR A 468 7.60 4.94 3.46
C THR A 468 7.14 4.76 4.90
N ALA A 469 5.83 4.83 5.07
CA ALA A 469 5.12 4.35 6.27
C ALA A 469 4.52 3.00 5.92
N SER A 470 4.30 2.18 6.95
CA SER A 470 3.66 0.83 6.83
C SER A 470 2.22 0.87 7.34
N ILE A 471 1.33 0.34 6.52
CA ILE A 471 -0.07 0.16 6.92
C ILE A 471 -0.40 -1.32 6.79
N ILE A 472 -0.82 -1.92 7.90
CA ILE A 472 -1.29 -3.32 7.86
C ILE A 472 -2.80 -3.30 8.12
N VAL A 473 -3.58 -3.93 7.26
CA VAL A 473 -5.02 -4.10 7.50
C VAL A 473 -5.26 -5.58 7.79
N ASP A 474 -5.83 -5.87 8.96
CA ASP A 474 -6.09 -7.26 9.40
C ASP A 474 -7.61 -7.38 9.62
N ASP A 475 -8.32 -8.11 8.78
CA ASP A 475 -9.77 -8.38 8.99
C ASP A 475 -10.01 -9.73 9.69
N GLY A 476 -8.97 -10.41 10.16
CA GLY A 476 -9.08 -11.69 10.90
C GLY A 476 -9.26 -12.88 9.98
N LYS A 477 -9.34 -12.69 8.66
CA LYS A 477 -9.36 -13.73 7.61
C LYS A 477 -8.06 -13.66 6.82
N GLN A 478 -7.74 -12.47 6.32
N GLN A 478 -7.74 -12.45 6.34
CA GLN A 478 -6.44 -12.24 5.67
CA GLN A 478 -6.51 -12.20 5.57
C GLN A 478 -5.86 -10.93 6.16
C GLN A 478 -5.88 -10.90 6.07
N VAL A 479 -4.59 -10.76 5.83
CA VAL A 479 -3.83 -9.55 6.19
C VAL A 479 -3.25 -9.01 4.90
N ALA A 480 -3.08 -7.71 4.85
CA ALA A 480 -2.38 -7.06 3.74
C ALA A 480 -1.51 -5.95 4.30
N GLU A 481 -0.29 -5.85 3.80
CA GLU A 481 0.62 -4.77 4.23
C GLU A 481 0.97 -3.90 3.03
N LYS A 482 0.93 -2.60 3.23
CA LYS A 482 1.27 -1.60 2.22
C LYS A 482 2.38 -0.70 2.75
N ARG A 483 3.24 -0.22 1.83
CA ARG A 483 4.26 0.80 2.18
C ARG A 483 4.00 1.97 1.25
N VAL A 484 3.74 3.13 1.84
N VAL A 484 3.73 3.13 1.85
CA VAL A 484 3.26 4.33 1.09
CA VAL A 484 3.29 4.33 1.08
C VAL A 484 4.17 5.50 1.40
C VAL A 484 4.22 5.48 1.38
N ALA A 485 4.33 6.38 0.42
CA ALA A 485 5.27 7.52 0.50
C ALA A 485 5.08 8.33 1.79
N ALA A 486 6.18 8.60 2.49
CA ALA A 486 6.17 9.37 3.74
C ALA A 486 7.17 10.52 3.63
N LYS A 487 6.94 11.57 4.40
CA LYS A 487 7.69 12.84 4.27
C LYS A 487 8.20 13.22 5.65
N ASP A 488 9.45 13.67 5.71
CA ASP A 488 10.00 14.28 6.93
C ASP A 488 9.71 15.78 6.87
N TYR A 489 8.68 16.25 7.59
CA TYR A 489 8.23 17.67 7.57
C TYR A 489 9.31 18.55 8.19
N ALA A 490 10.28 17.96 8.90
CA ALA A 490 11.39 18.77 9.49
C ALA A 490 12.48 19.10 8.47
N TYR A 491 12.42 18.48 7.29
CA TYR A 491 13.49 18.60 6.26
C TYR A 491 12.85 19.17 5.01
N PRO A 492 12.69 20.50 4.91
CA PRO A 492 12.12 21.16 3.73
C PRO A 492 12.63 20.70 2.36
N GLU A 493 13.89 20.24 2.22
CA GLU A 493 14.36 19.71 0.92
C GLU A 493 13.89 18.28 0.65
N ASP A 494 13.17 17.62 1.56
CA ASP A 494 12.39 16.39 1.27
C ASP A 494 11.11 16.85 0.52
N LYS A 495 11.02 16.69 -0.80
CA LYS A 495 9.90 17.22 -1.64
C LYS A 495 8.98 16.03 -2.01
N THR A 496 9.00 14.97 -1.23
CA THR A 496 7.97 13.91 -1.29
C THR A 496 6.60 14.59 -1.14
N PRO A 497 5.60 14.26 -1.99
CA PRO A 497 4.24 14.75 -1.79
C PRO A 497 3.66 14.30 -0.44
N SER A 498 2.97 15.21 0.25
CA SER A 498 2.25 14.95 1.51
C SER A 498 1.11 13.96 1.25
N LEU A 499 0.96 12.97 2.13
CA LEU A 499 -0.13 11.96 2.08
C LEU A 499 -0.64 11.75 3.50
N THR A 500 -1.97 11.72 3.66
CA THR A 500 -2.59 11.35 4.95
C THR A 500 -2.77 9.84 5.04
N LEU A 501 -3.03 9.36 6.24
CA LEU A 501 -3.36 7.93 6.41
C LEU A 501 -4.58 7.58 5.54
N LYS A 502 -5.65 8.41 5.55
CA LYS A 502 -6.84 8.10 4.72
C LYS A 502 -6.48 8.06 3.24
N ASP A 503 -5.72 9.07 2.75
CA ASP A 503 -5.32 9.14 1.33
C ASP A 503 -4.54 7.84 0.99
N ALA A 504 -3.67 7.41 1.90
CA ALA A 504 -2.83 6.22 1.69
C ALA A 504 -3.68 4.94 1.61
N LEU A 505 -4.72 4.84 2.45
CA LEU A 505 -5.64 3.65 2.40
C LEU A 505 -6.33 3.63 1.04
N LYS A 506 -6.77 4.80 0.55
CA LYS A 506 -7.47 4.80 -0.74
C LYS A 506 -6.50 4.41 -1.87
N LEU A 507 -5.30 4.97 -1.88
CA LEU A 507 -4.33 4.71 -2.98
C LEU A 507 -3.85 3.25 -3.00
N SER A 508 -3.71 2.65 -1.82
CA SER A 508 -3.00 1.37 -1.70
C SER A 508 -3.99 0.18 -1.74
N PHE A 509 -5.29 0.42 -1.61
CA PHE A 509 -6.35 -0.61 -1.71
C PHE A 509 -7.36 -0.19 -2.79
N PRO A 510 -6.96 -0.07 -4.06
CA PRO A 510 -7.89 0.35 -5.12
C PRO A 510 -9.08 -0.60 -5.33
N GLU A 511 -8.93 -1.90 -5.03
CA GLU A 511 -10.04 -2.86 -5.29
C GLU A 511 -10.91 -2.99 -4.03
N GLU A 512 -10.28 -3.09 -2.86
CA GLU A 512 -10.99 -3.46 -1.62
C GLU A 512 -11.58 -2.23 -0.95
N ILE A 513 -10.98 -1.04 -1.08
CA ILE A 513 -11.49 0.16 -0.36
C ILE A 513 -12.24 1.08 -1.32
N LYS A 514 -13.46 1.43 -0.92
CA LYS A 514 -14.29 2.45 -1.61
C LYS A 514 -14.72 3.47 -0.58
N GLU A 515 -15.00 4.66 -1.05
CA GLU A 515 -15.47 5.77 -0.19
C GLU A 515 -16.92 6.03 -0.56
N THR A 516 -17.82 5.93 0.41
CA THR A 516 -19.28 6.16 0.24
C THR A 516 -19.70 7.19 1.30
N ASP A 517 -20.20 8.35 0.86
CA ASP A 517 -20.69 9.42 1.77
C ASP A 517 -19.57 9.82 2.73
N GLY A 518 -18.34 9.91 2.24
CA GLY A 518 -17.18 10.44 2.98
C GLY A 518 -16.54 9.44 3.91
N LEU A 519 -16.95 8.18 3.88
CA LEU A 519 -16.42 7.13 4.80
C LEU A 519 -15.88 5.95 4.00
N LEU A 520 -14.76 5.39 4.47
CA LEU A 520 -14.12 4.24 3.79
C LEU A 520 -14.78 2.91 4.20
N TYR A 521 -14.97 2.06 3.22
CA TYR A 521 -15.38 0.65 3.40
C TYR A 521 -14.35 -0.28 2.76
N TYR A 522 -14.10 -1.39 3.44
CA TYR A 522 -13.16 -2.47 3.03
C TYR A 522 -13.98 -3.72 2.73
N ASN A 523 -14.05 -4.10 1.46
CA ASN A 523 -14.93 -5.22 1.03
C ASN A 523 -16.34 -5.03 1.64
N ASN A 524 -16.90 -3.81 1.54
CA ASN A 524 -18.29 -3.47 1.97
C ASN A 524 -18.45 -3.45 3.50
N LYS A 525 -17.38 -3.62 4.28
CA LYS A 525 -17.41 -3.51 5.76
C LYS A 525 -16.80 -2.18 6.16
N PRO A 526 -17.18 -1.58 7.29
CA PRO A 526 -16.55 -0.35 7.73
C PRO A 526 -15.04 -0.45 7.91
N ILE A 527 -14.34 0.57 7.38
CA ILE A 527 -12.91 0.78 7.71
C ILE A 527 -12.67 2.25 7.99
N TYR A 528 -13.72 2.98 8.36
CA TYR A 528 -13.57 4.38 8.81
C TYR A 528 -13.08 4.43 10.25
N GLU A 529 -12.45 5.54 10.64
CA GLU A 529 -11.67 5.60 11.88
C GLU A 529 -12.52 5.25 13.11
N SER A 530 -13.77 5.69 13.17
CA SER A 530 -14.61 5.47 14.37
C SER A 530 -15.07 4.02 14.49
N SER A 531 -14.86 3.19 13.43
N SER A 531 -14.82 3.17 13.49
CA SER A 531 -15.33 1.78 13.34
CA SER A 531 -15.34 1.79 13.54
C SER A 531 -14.21 0.78 13.66
C SER A 531 -14.22 0.75 13.48
N VAL A 532 -12.98 1.19 13.44
CA VAL A 532 -11.82 0.26 13.51
C VAL A 532 -11.13 0.46 14.82
N MET A 533 -10.20 -0.46 15.12
N MET A 533 -10.22 -0.46 15.14
CA MET A 533 -9.25 -0.24 16.23
CA MET A 533 -9.26 -0.17 16.22
C MET A 533 -7.88 -0.14 15.57
C MET A 533 -7.88 -0.13 15.58
N THR A 534 -7.16 0.95 15.82
CA THR A 534 -5.84 1.16 15.21
C THR A 534 -4.77 0.98 16.27
N TYR A 535 -3.72 0.25 15.88
CA TYR A 535 -2.57 -0.04 16.77
C TYR A 535 -1.30 0.54 16.15
N LEU A 536 -0.53 1.18 17.00
CA LEU A 536 0.69 1.92 16.63
C LEU A 536 1.87 1.35 17.40
N ASP A 537 3.07 1.67 16.94
CA ASP A 537 4.27 1.54 17.80
C ASP A 537 4.49 2.84 18.60
N GLY A 538 5.45 2.83 19.52
CA GLY A 538 5.71 4.00 20.37
C GLY A 538 6.07 5.23 19.57
N ASN A 539 6.95 5.07 18.58
N ASN A 539 6.91 5.10 18.54
CA ASN A 539 7.39 6.19 17.72
CA ASN A 539 7.37 6.30 17.80
C ASN A 539 6.16 6.83 17.08
C ASN A 539 6.20 6.86 16.97
N THR A 540 5.33 6.01 16.44
CA THR A 540 4.15 6.47 15.67
C THR A 540 3.17 7.15 16.64
N ALA A 541 2.97 6.61 17.82
CA ALA A 541 2.08 7.26 18.81
C ALA A 541 2.59 8.68 19.10
N LYS A 542 3.89 8.82 19.30
CA LYS A 542 4.44 10.15 19.67
C LYS A 542 4.23 11.14 18.51
N GLU A 543 4.47 10.69 17.28
N GLU A 543 4.50 10.74 17.27
CA GLU A 543 4.32 11.46 16.02
CA GLU A 543 4.31 11.65 16.11
C GLU A 543 2.86 11.89 15.81
C GLU A 543 2.82 11.97 15.96
N VAL A 544 1.93 11.00 16.10
CA VAL A 544 0.47 11.30 15.97
C VAL A 544 0.11 12.36 17.00
N LYS A 545 0.52 12.19 18.24
CA LYS A 545 0.13 13.15 19.29
C LYS A 545 0.73 14.53 18.96
N LYS A 546 1.95 14.58 18.45
CA LYS A 546 2.56 15.87 18.10
C LYS A 546 1.67 16.56 17.05
N GLN A 547 1.25 15.84 16.01
CA GLN A 547 0.42 16.45 14.93
C GLN A 547 -0.93 16.89 15.48
N ILE A 548 -1.58 16.06 16.30
CA ILE A 548 -2.90 16.45 16.84
C ILE A 548 -2.74 17.74 17.68
N ASN A 549 -1.74 17.75 18.55
CA ASN A 549 -1.56 18.82 19.55
C ASN A 549 -1.13 20.11 18.86
N ASP A 550 -0.55 20.09 17.64
CA ASP A 550 -0.20 21.32 16.89
C ASP A 550 -1.47 22.00 16.39
N LYS A 551 -1.77 23.17 16.91
CA LYS A 551 -3.00 23.91 16.53
C LYS A 551 -2.69 25.08 15.61
N THR A 552 -1.41 25.33 15.27
CA THR A 552 -1.04 26.58 14.56
C THR A 552 -0.14 26.37 13.35
N GLY A 553 0.66 25.31 13.30
CA GLY A 553 1.70 25.15 12.26
C GLY A 553 1.24 24.18 11.17
N GLU A 554 2.17 23.35 10.68
CA GLU A 554 2.02 22.40 9.55
C GLU A 554 0.82 21.49 9.79
N PHE A 555 0.50 21.22 11.04
CA PHE A 555 -0.51 20.17 11.38
C PHE A 555 -1.72 20.83 12.01
N LYS A 556 -1.93 22.11 11.79
CA LYS A 556 -3.06 22.80 12.50
C LYS A 556 -4.40 22.18 12.14
N ASP A 557 -4.55 21.58 10.97
CA ASP A 557 -5.88 21.01 10.60
C ASP A 557 -5.88 19.48 10.78
N VAL A 558 -4.86 18.89 11.45
CA VAL A 558 -4.86 17.44 11.81
C VAL A 558 -5.48 17.27 13.19
N GLN A 559 -6.70 16.70 13.24
CA GLN A 559 -7.46 16.55 14.50
C GLN A 559 -7.94 15.10 14.68
N HIS A 560 -7.70 14.26 13.68
CA HIS A 560 -8.18 12.85 13.61
C HIS A 560 -7.02 11.96 13.16
N LEU A 561 -7.03 10.71 13.58
CA LEU A 561 -6.01 9.75 13.17
C LEU A 561 -5.88 9.63 11.65
N TYR A 562 -6.97 9.61 10.91
CA TYR A 562 -6.93 9.38 9.45
C TYR A 562 -6.42 10.65 8.72
N ALA A 563 -6.34 11.78 9.41
CA ALA A 563 -5.81 13.04 8.83
C ALA A 563 -4.32 13.21 9.07
N VAL A 564 -3.70 12.31 9.83
CA VAL A 564 -2.26 12.38 10.13
C VAL A 564 -1.45 12.31 8.84
N LYS A 565 -0.48 13.20 8.74
CA LYS A 565 0.45 13.25 7.56
C LYS A 565 1.55 12.20 7.79
N LEU A 566 1.70 11.27 6.84
CA LEU A 566 2.64 10.16 7.05
C LEU A 566 4.09 10.62 7.07
N THR A 567 4.81 10.13 8.06
CA THR A 567 6.26 10.39 8.23
C THR A 567 6.99 9.05 8.17
N PRO A 568 8.29 9.06 7.79
CA PRO A 568 8.99 7.80 7.54
C PRO A 568 9.05 6.89 8.76
N LYS A 569 8.82 5.62 8.45
CA LYS A 569 8.84 4.50 9.40
C LYS A 569 7.63 4.55 10.34
N MET A 570 6.65 5.42 10.15
CA MET A 570 5.36 5.25 10.86
C MET A 570 4.83 3.82 10.61
N ASN A 571 4.16 3.28 11.62
CA ASN A 571 3.54 1.93 11.56
C ASN A 571 2.11 1.98 12.09
N PHE A 572 1.17 1.48 11.29
CA PHE A 572 -0.25 1.36 11.67
C PHE A 572 -0.74 -0.06 11.40
N THR A 573 -1.45 -0.64 12.35
CA THR A 573 -2.20 -1.90 12.16
C THR A 573 -3.68 -1.55 12.39
N ILE A 574 -4.51 -1.77 11.39
CA ILE A 574 -5.96 -1.47 11.48
C ILE A 574 -6.72 -2.78 11.62
N LYS A 575 -7.44 -2.95 12.73
CA LYS A 575 -8.33 -4.13 12.90
C LYS A 575 -9.74 -3.73 12.43
N VAL A 576 -10.24 -4.42 11.39
CA VAL A 576 -11.57 -4.14 10.78
C VAL A 576 -12.61 -4.76 11.70
N PRO A 577 -13.75 -4.09 11.98
CA PRO A 577 -14.69 -4.61 12.98
C PRO A 577 -15.33 -5.92 12.48
N VAL A 578 -15.61 -6.79 13.41
CA VAL A 578 -16.36 -8.07 13.11
C VAL A 578 -17.84 -7.86 13.39
N ALA A 579 -18.20 -6.77 14.06
CA ALA A 579 -19.61 -6.38 14.29
C ALA A 579 -19.63 -4.87 14.54
N TYR A 580 -20.70 -4.21 14.15
CA TYR A 580 -20.79 -2.75 14.36
C TYR A 580 -22.25 -2.34 14.43
N ASP A 581 -22.45 -1.19 15.06
CA ASP A 581 -23.78 -0.57 15.19
C ASP A 581 -23.64 0.93 14.98
N THR A 582 -24.34 1.43 13.97
CA THR A 582 -24.40 2.88 13.70
C THR A 582 -25.85 3.36 13.91
N ALA A 583 -25.99 4.49 14.58
CA ALA A 583 -27.30 5.12 14.80
C ALA A 583 -27.95 5.50 13.45
N LYS A 584 -27.18 5.66 12.38
CA LYS A 584 -27.69 5.94 11.01
C LYS A 584 -28.56 4.77 10.50
N GLN A 585 -28.41 3.54 11.01
CA GLN A 585 -29.22 2.38 10.57
C GLN A 585 -30.00 1.82 11.75
N ALA A 586 -30.57 2.69 12.55
CA ALA A 586 -31.44 2.27 13.67
C ALA A 586 -32.80 2.94 13.51
N VAL A 587 -33.81 2.30 14.09
CA VAL A 587 -35.21 2.82 14.05
C VAL A 587 -35.80 2.75 15.46
N ASN A 588 -36.59 3.74 15.77
CA ASN A 588 -37.20 3.85 17.11
C ASN A 588 -38.40 2.93 17.20
N LEU A 589 -38.55 2.42 18.41
CA LEU A 589 -39.72 1.59 18.79
C LEU A 589 -40.56 2.45 19.72
N GLY A 590 -41.86 2.53 19.42
CA GLY A 590 -42.79 3.24 20.31
C GLY A 590 -43.34 4.50 19.69
N GLY A 591 -43.10 4.76 18.39
CA GLY A 591 -43.71 5.93 17.71
C GLY A 591 -43.34 7.25 18.39
N ASP A 592 -44.34 8.02 18.83
CA ASP A 592 -44.26 9.40 19.38
C ASP A 592 -43.42 9.46 20.66
N ASN A 593 -43.47 8.39 21.47
CA ASN A 593 -42.80 8.31 22.80
C ASN A 593 -41.83 7.12 22.77
N PRO A 594 -40.68 7.17 22.05
CA PRO A 594 -39.87 5.98 21.89
C PRO A 594 -39.38 5.37 23.21
N TRP A 595 -39.34 4.04 23.30
CA TRP A 595 -38.84 3.34 24.50
C TRP A 595 -37.57 2.55 24.20
N GLY A 596 -37.27 2.34 22.93
CA GLY A 596 -36.12 1.55 22.49
C GLY A 596 -35.79 1.84 21.05
N ALA A 597 -34.66 1.30 20.58
CA ALA A 597 -34.21 1.52 19.20
C ALA A 597 -33.60 0.20 18.71
N LYS A 598 -34.08 -0.24 17.56
CA LYS A 598 -33.59 -1.46 16.88
C LYS A 598 -32.51 -1.05 15.89
N GLY A 599 -31.30 -1.58 16.09
CA GLY A 599 -30.17 -1.35 15.16
C GLY A 599 -29.65 -2.66 14.61
N LEU A 600 -28.47 -2.61 14.01
CA LEU A 600 -27.89 -3.76 13.28
C LEU A 600 -27.59 -4.92 14.24
N LEU A 601 -27.34 -4.64 15.52
CA LEU A 601 -26.90 -5.71 16.46
C LEU A 601 -28.03 -6.18 17.36
N GLY A 602 -29.13 -5.45 17.38
CA GLY A 602 -30.19 -5.77 18.33
C GLY A 602 -30.95 -4.56 18.80
N THR A 603 -31.75 -4.74 19.83
CA THR A 603 -32.57 -3.63 20.37
C THR A 603 -31.89 -3.01 21.56
N TRP A 604 -31.65 -1.70 21.49
CA TRP A 604 -31.25 -0.89 22.65
C TRP A 604 -32.50 -0.53 23.44
N VAL A 605 -32.71 -1.24 24.53
CA VAL A 605 -33.85 -0.96 25.42
C VAL A 605 -33.50 0.30 26.23
N ASN A 606 -34.44 1.24 26.38
CA ASN A 606 -34.26 2.48 27.16
C ASN A 606 -33.33 3.46 26.41
N ALA A 607 -33.29 3.35 25.09
CA ALA A 607 -32.59 4.29 24.19
C ALA A 607 -33.47 4.64 23.00
N MET A 608 -33.13 5.74 22.35
CA MET A 608 -33.80 6.16 21.11
C MET A 608 -32.76 6.83 20.23
N VAL A 609 -33.00 6.83 18.93
N VAL A 609 -33.02 6.78 18.93
CA VAL A 609 -32.11 7.53 17.98
CA VAL A 609 -32.26 7.53 17.88
C VAL A 609 -32.69 8.91 17.69
C VAL A 609 -32.74 8.97 17.88
N VAL A 610 -31.81 9.91 17.74
CA VAL A 610 -32.13 11.36 17.62
C VAL A 610 -31.39 11.86 16.40
N ASP A 611 -32.09 12.60 15.54
CA ASP A 611 -31.52 13.21 14.31
C ASP A 611 -31.32 14.69 14.64
N ASN A 612 -30.09 15.22 14.57
CA ASN A 612 -29.78 16.66 14.79
C ASN A 612 -29.18 17.22 13.50
N SER A 613 -30.07 17.57 12.55
CA SER A 613 -29.75 18.20 11.24
C SER A 613 -28.94 17.21 10.38
N GLY A 614 -29.28 15.92 10.41
CA GLY A 614 -28.59 14.85 9.64
C GLY A 614 -27.66 13.99 10.49
N ASP A 615 -27.13 14.55 11.58
CA ASP A 615 -26.21 13.86 12.55
C ASP A 615 -27.05 12.97 13.48
N LYS A 616 -26.88 11.65 13.41
CA LYS A 616 -27.69 10.73 14.25
C LYS A 616 -26.84 10.21 15.40
N ALA A 617 -27.49 10.01 16.54
CA ALA A 617 -26.86 9.40 17.72
C ALA A 617 -27.93 8.68 18.53
N TYR A 618 -27.50 7.80 19.40
CA TYR A 618 -28.38 7.23 20.44
C TYR A 618 -28.34 8.12 21.67
N LYS A 619 -29.50 8.25 22.31
CA LYS A 619 -29.67 8.98 23.58
C LYS A 619 -30.42 8.07 24.54
N ARG A 620 -30.09 8.14 25.81
CA ARG A 620 -30.91 7.42 26.83
C ARG A 620 -32.31 8.06 26.87
N VAL A 621 -33.34 7.23 26.95
CA VAL A 621 -34.73 7.68 27.17
C VAL A 621 -34.83 8.41 28.51
N GLU A 622 -35.62 9.49 28.58
CA GLU A 622 -35.74 10.35 29.79
C GLU A 622 -37.22 10.48 30.18
N PRO A 623 -37.79 9.44 30.83
CA PRO A 623 -39.20 9.46 31.23
C PRO A 623 -39.46 10.17 32.56
N GLY A 624 -38.43 10.76 33.18
CA GLY A 624 -38.55 11.43 34.50
C GLY A 624 -37.86 10.69 35.63
N TYR A 625 -37.18 9.58 35.32
CA TYR A 625 -36.44 8.71 36.28
C TYR A 625 -35.36 7.96 35.50
N LEU A 626 -34.39 7.43 36.25
CA LEU A 626 -33.18 6.81 35.68
C LEU A 626 -33.51 5.44 35.12
N LEU A 627 -33.08 5.19 33.88
CA LEU A 627 -33.09 3.87 33.21
C LEU A 627 -31.67 3.58 32.72
N SER A 628 -31.35 2.31 32.49
CA SER A 628 -30.04 1.93 31.91
C SER A 628 -30.25 1.46 30.48
N PRO A 629 -29.74 2.16 29.46
CA PRO A 629 -29.75 1.64 28.10
C PRO A 629 -29.08 0.25 28.06
N THR A 630 -29.72 -0.69 27.40
CA THR A 630 -29.29 -2.10 27.38
C THR A 630 -29.43 -2.62 25.96
N LEU A 631 -28.31 -3.00 25.35
CA LEU A 631 -28.37 -3.61 24.02
C LEU A 631 -28.61 -5.09 24.19
N GLU A 632 -29.79 -5.53 23.77
CA GLU A 632 -30.17 -6.96 23.75
C GLU A 632 -29.74 -7.46 22.38
N PHE A 633 -28.57 -8.10 22.31
CA PHE A 633 -28.05 -8.66 21.05
C PHE A 633 -29.11 -9.60 20.45
N SER A 634 -29.44 -9.39 19.18
CA SER A 634 -30.41 -10.22 18.41
C SER A 634 -29.76 -11.57 18.11
N GLU A 635 -30.57 -12.59 17.80
CA GLU A 635 -30.05 -13.92 17.42
C GLU A 635 -29.26 -13.74 16.12
N GLY A 636 -28.01 -14.16 16.11
CA GLY A 636 -27.22 -14.10 14.88
C GLY A 636 -26.31 -12.89 14.82
N SER A 637 -26.57 -11.81 15.57
CA SER A 637 -25.82 -10.55 15.36
C SER A 637 -24.34 -10.72 15.71
N LEU A 638 -24.01 -11.65 16.62
CA LEU A 638 -22.60 -11.90 17.00
C LEU A 638 -22.07 -13.25 16.48
N ASP A 639 -22.65 -13.81 15.41
CA ASP A 639 -22.12 -15.03 14.73
C ASP A 639 -20.71 -14.81 14.18
N ASN A 640 -20.24 -13.57 13.98
CA ASN A 640 -18.90 -13.32 13.40
C ASN A 640 -17.82 -13.32 14.50
N LEU A 641 -18.22 -13.46 15.78
CA LEU A 641 -17.26 -13.44 16.89
C LEU A 641 -16.68 -14.84 17.04
N LYS A 642 -15.37 -14.92 16.93
CA LYS A 642 -14.63 -16.17 17.15
C LYS A 642 -14.84 -16.63 18.60
N LYS A 643 -14.98 -17.94 18.79
CA LYS A 643 -15.00 -18.51 20.16
C LYS A 643 -13.62 -18.41 20.83
N ASN A 644 -13.62 -18.24 22.16
CA ASN A 644 -12.40 -18.29 23.02
C ASN A 644 -11.48 -17.19 22.54
N TYR A 645 -12.07 -16.01 22.32
CA TYR A 645 -11.38 -14.82 21.78
C TYR A 645 -11.65 -13.61 22.68
N SER A 646 -10.69 -12.70 22.69
CA SER A 646 -10.82 -11.39 23.34
C SER A 646 -11.02 -10.35 22.23
N PHE A 647 -11.69 -9.27 22.60
CA PHE A 647 -12.12 -8.19 21.70
C PHE A 647 -11.99 -6.87 22.43
N TYR A 648 -12.13 -5.80 21.66
CA TYR A 648 -12.53 -4.49 22.22
C TYR A 648 -13.92 -4.19 21.72
N VAL A 649 -14.74 -3.71 22.65
CA VAL A 649 -16.01 -3.04 22.31
C VAL A 649 -15.73 -1.55 22.46
N SER A 650 -15.91 -0.83 21.39
CA SER A 650 -15.59 0.61 21.34
C SER A 650 -16.85 1.39 21.00
N MET A 651 -16.93 2.62 21.49
CA MET A 651 -18.07 3.51 21.14
C MET A 651 -17.64 4.94 21.46
N TYR A 652 -18.31 5.91 20.87
CA TYR A 652 -18.13 7.34 21.22
C TYR A 652 -19.26 7.71 22.15
N VAL A 653 -18.95 8.29 23.29
CA VAL A 653 -19.94 8.56 24.38
C VAL A 653 -19.76 9.97 24.90
N LYS A 654 -20.86 10.53 25.40
CA LYS A 654 -20.87 11.83 26.07
C LYS A 654 -21.86 11.73 27.21
N SER A 655 -21.47 12.10 28.42
CA SER A 655 -22.41 12.23 29.55
C SER A 655 -21.95 13.34 30.48
N ASP A 656 -22.89 14.03 31.12
CA ASP A 656 -22.53 15.08 32.09
C ASP A 656 -22.19 14.48 33.47
N LYS A 657 -22.44 13.19 33.65
CA LYS A 657 -22.07 12.49 34.90
C LYS A 657 -21.38 11.19 34.54
N PRO A 658 -20.64 10.60 35.50
CA PRO A 658 -19.97 9.33 35.24
C PRO A 658 -21.04 8.25 35.04
N PHE A 659 -20.65 7.17 34.38
CA PHE A 659 -21.50 5.96 34.28
C PHE A 659 -20.61 4.73 34.18
N THR A 660 -21.23 3.57 34.35
CA THR A 660 -20.52 2.28 34.24
C THR A 660 -20.90 1.66 32.91
N LEU A 661 -19.92 1.33 32.08
CA LEU A 661 -20.13 0.58 30.83
C LEU A 661 -19.88 -0.89 31.14
N ARG A 662 -20.86 -1.74 30.87
CA ARG A 662 -20.83 -3.17 31.22
C ARG A 662 -21.02 -4.01 29.96
N ILE A 663 -20.17 -5.00 29.83
CA ILE A 663 -20.34 -6.08 28.84
C ILE A 663 -20.69 -7.34 29.66
N ASN A 664 -21.94 -7.82 29.54
N ASN A 664 -21.90 -7.86 29.45
CA ASN A 664 -22.44 -9.03 30.27
CA ASN A 664 -22.41 -8.97 30.29
C ASN A 664 -22.13 -10.27 29.43
C ASN A 664 -22.18 -10.27 29.46
N ALA A 665 -21.27 -11.11 30.01
CA ALA A 665 -20.93 -12.43 29.46
C ALA A 665 -20.78 -13.38 30.64
N GLY A 666 -21.68 -13.28 31.61
CA GLY A 666 -21.67 -14.19 32.77
C GLY A 666 -20.37 -14.00 33.56
N PRO A 667 -19.62 -15.09 33.83
CA PRO A 667 -18.41 -14.98 34.63
C PRO A 667 -17.30 -14.25 33.88
N TYR A 668 -17.49 -13.98 32.59
CA TYR A 668 -16.46 -13.29 31.77
C TYR A 668 -16.89 -11.85 31.48
N SER A 669 -17.83 -11.34 32.24
CA SER A 669 -18.31 -9.95 32.13
C SER A 669 -17.17 -8.97 32.42
N THR A 670 -17.26 -7.80 31.79
CA THR A 670 -16.28 -6.71 32.01
C THR A 670 -17.02 -5.42 32.29
N LYS A 671 -16.36 -4.50 32.99
CA LYS A 671 -16.97 -3.18 33.26
C LYS A 671 -15.87 -2.13 33.36
N ARG A 672 -16.24 -0.90 33.04
N ARG A 672 -16.24 -0.89 33.07
CA ARG A 672 -15.36 0.29 33.18
CA ARG A 672 -15.34 0.27 33.24
C ARG A 672 -16.22 1.47 33.67
C ARG A 672 -16.19 1.48 33.65
N THR A 673 -15.68 2.24 34.60
CA THR A 673 -16.22 3.56 35.00
C THR A 673 -15.76 4.60 33.97
N ILE A 674 -16.71 5.27 33.36
CA ILE A 674 -16.51 6.30 32.31
C ILE A 674 -16.76 7.66 32.94
N GLU A 675 -15.77 8.54 32.92
CA GLU A 675 -15.89 9.92 33.44
C GLU A 675 -16.77 10.76 32.51
N ALA A 676 -17.44 11.73 33.11
CA ALA A 676 -18.19 12.79 32.41
C ALA A 676 -17.29 13.45 31.36
N SER A 677 -17.89 13.79 30.22
N SER A 677 -17.86 13.82 30.21
CA SER A 677 -17.24 14.53 29.11
CA SER A 677 -17.14 14.60 29.17
C SER A 677 -18.19 15.63 28.59
C SER A 677 -18.12 15.56 28.48
N ASN A 678 -17.64 16.77 28.22
CA ASN A 678 -18.42 17.84 27.53
C ASN A 678 -18.74 17.44 26.09
N ASP A 679 -17.87 16.63 25.49
N ASP A 679 -17.86 16.77 25.34
CA ASP A 679 -17.89 16.27 24.05
CA ASP A 679 -18.27 16.25 24.01
C ASP A 679 -17.87 14.75 23.93
C ASP A 679 -17.92 14.77 23.93
N PHE A 680 -18.28 14.21 22.79
CA PHE A 680 -18.10 12.77 22.50
C PHE A 680 -16.62 12.44 22.63
N LYS A 681 -16.36 11.30 23.29
CA LYS A 681 -14.99 10.74 23.40
C LYS A 681 -15.09 9.25 23.16
N ARG A 682 -14.04 8.67 22.59
CA ARG A 682 -14.02 7.21 22.35
C ARG A 682 -13.69 6.50 23.66
N VAL A 683 -14.45 5.44 23.93
CA VAL A 683 -14.12 4.50 25.02
C VAL A 683 -13.96 3.10 24.43
N ASP A 684 -13.05 2.33 25.00
CA ASP A 684 -12.66 0.98 24.52
C ASP A 684 -12.66 0.06 25.74
N ILE A 685 -13.52 -0.93 25.75
CA ILE A 685 -13.61 -1.83 26.92
C ILE A 685 -13.27 -3.22 26.41
N PRO A 686 -12.37 -3.96 27.09
CA PRO A 686 -12.15 -5.34 26.70
C PRO A 686 -13.42 -6.18 26.86
N ALA A 687 -13.59 -7.14 25.96
CA ALA A 687 -14.70 -8.10 26.04
C ALA A 687 -14.18 -9.50 25.70
N PHE A 688 -14.83 -10.49 26.30
CA PHE A 688 -14.40 -11.90 26.19
C PHE A 688 -15.58 -12.72 25.68
N TYR A 689 -15.36 -13.52 24.63
CA TYR A 689 -16.28 -14.60 24.21
C TYR A 689 -15.59 -15.92 24.48
N ILE A 690 -15.92 -16.52 25.63
CA ILE A 690 -15.44 -17.87 26.01
C ILE A 690 -16.56 -18.83 25.61
N GLU A 691 -16.22 -19.88 24.86
CA GLU A 691 -17.17 -20.91 24.41
C GLU A 691 -18.09 -21.28 25.58
N GLY A 692 -19.40 -21.23 25.39
CA GLY A 692 -20.40 -21.51 26.45
C GLY A 692 -20.85 -20.27 27.21
N PHE A 693 -20.27 -19.09 26.92
CA PHE A 693 -20.61 -17.83 27.65
C PHE A 693 -20.75 -16.70 26.64
N PRO A 694 -21.81 -16.75 25.83
CA PRO A 694 -22.01 -15.71 24.83
C PRO A 694 -22.09 -14.33 25.49
N ILE A 695 -21.72 -13.34 24.69
CA ILE A 695 -21.94 -11.93 25.10
C ILE A 695 -23.43 -11.65 24.94
N ASP A 696 -24.09 -11.28 26.04
CA ASP A 696 -25.58 -11.15 26.09
C ASP A 696 -26.03 -9.71 25.90
N THR A 697 -25.37 -8.75 26.56
CA THR A 697 -25.78 -7.33 26.50
C THR A 697 -24.59 -6.40 26.67
N ILE A 698 -24.79 -5.18 26.23
CA ILE A 698 -24.03 -3.98 26.67
C ILE A 698 -25.01 -3.16 27.51
N ARG A 699 -24.59 -2.68 28.67
CA ARG A 699 -25.44 -1.79 29.50
C ARG A 699 -24.65 -0.53 29.87
N LEU A 700 -25.32 0.62 29.76
N LEU A 700 -25.35 0.62 29.85
CA LEU A 700 -24.78 1.91 30.26
CA LEU A 700 -24.80 1.93 30.26
C LEU A 700 -25.56 2.25 31.52
C LEU A 700 -25.52 2.37 31.53
N GLU A 701 -24.90 2.04 32.66
CA GLU A 701 -25.52 2.17 34.00
C GLU A 701 -25.15 3.54 34.59
N GLY A 702 -26.12 4.45 34.64
CA GLY A 702 -25.95 5.80 35.20
C GLY A 702 -25.94 5.75 36.72
N SER A 703 -25.63 6.89 37.30
CA SER A 703 -25.07 7.09 38.66
C SER A 703 -25.99 8.03 39.44
N ASP A 704 -26.68 8.90 38.73
CA ASP A 704 -27.05 10.24 39.20
C ASP A 704 -28.23 10.74 38.38
N TYR A 705 -29.17 11.39 39.02
CA TYR A 705 -30.34 11.96 38.32
C TYR A 705 -30.49 13.40 38.79
N PRO A 706 -30.77 14.38 37.91
CA PRO A 706 -30.89 14.22 36.47
C PRO A 706 -29.54 14.27 35.73
N SER A 707 -29.51 13.78 34.51
CA SER A 707 -28.28 13.68 33.69
C SER A 707 -28.71 13.29 32.27
N ALA A 708 -27.74 13.15 31.37
CA ALA A 708 -27.94 12.69 29.99
C ALA A 708 -26.80 11.73 29.61
N ILE A 709 -27.07 10.80 28.73
CA ILE A 709 -26.06 9.94 28.07
C ILE A 709 -26.40 9.85 26.59
N TRP A 710 -25.41 10.10 25.75
CA TRP A 710 -25.48 9.98 24.29
C TRP A 710 -24.35 9.05 23.81
N TRP A 711 -24.58 8.29 22.75
CA TRP A 711 -23.49 7.45 22.18
C TRP A 711 -23.71 7.20 20.71
N LYS A 712 -22.64 6.80 20.04
CA LYS A 712 -22.73 6.41 18.63
C LYS A 712 -21.51 5.55 18.24
N ASP A 713 -21.55 5.03 17.04
CA ASP A 713 -20.41 4.29 16.41
C ASP A 713 -19.87 3.19 17.34
N VAL A 714 -20.70 2.19 17.60
CA VAL A 714 -20.29 1.00 18.38
C VAL A 714 -19.56 0.04 17.44
N SER A 715 -18.45 -0.46 17.89
CA SER A 715 -17.69 -1.42 17.05
C SER A 715 -17.14 -2.53 17.94
N ILE A 716 -16.98 -3.71 17.35
CA ILE A 716 -16.33 -4.84 18.05
C ILE A 716 -15.19 -5.32 17.15
N THR A 717 -13.98 -5.31 17.69
CA THR A 717 -12.75 -5.68 16.95
C THR A 717 -12.05 -6.83 17.69
N GLU A 718 -11.45 -7.72 16.92
CA GLU A 718 -10.68 -8.86 17.50
C GLU A 718 -9.36 -8.39 18.12
N VAL A 719 -8.98 -9.07 19.20
CA VAL A 719 -7.62 -8.96 19.77
C VAL A 719 -6.93 -10.29 19.51
N SER A 720 -7.15 -11.28 20.36
CA SER A 720 -6.49 -12.58 20.17
C SER A 720 -7.18 -13.67 20.99
N ALA A 721 -6.66 -14.88 20.81
CA ALA A 721 -7.21 -16.04 21.49
C ALA A 721 -6.99 -15.90 23.00
N VAL A 722 -7.97 -16.31 23.78
CA VAL A 722 -7.94 -16.25 25.27
C VAL A 722 -7.11 -17.44 25.76
N LYS A 723 -6.17 -17.12 26.63
CA LYS A 723 -5.29 -18.14 27.25
C LYS A 723 -6.11 -18.86 28.34
N LYS A 724 -6.00 -20.17 28.40
CA LYS A 724 -6.65 -21.05 29.40
C LYS A 724 -5.68 -21.30 30.58
CA CA B . 10.83 11.92 -9.27
CA CA C . 11.74 14.35 -12.65
CA CA D . -3.35 19.49 14.99
C1 EDO E . 13.82 7.65 -37.25
O1 EDO E . 13.63 8.27 -38.50
C2 EDO E . 12.75 6.66 -36.94
O2 EDO E . 12.56 5.74 -38.00
C1 EDO F . -2.09 -32.63 7.84
O1 EDO F . -0.91 -32.72 7.08
C2 EDO F . -1.80 -32.57 9.30
O2 EDO F . -2.95 -32.46 10.07
C1 EDO G . 15.38 28.91 -35.45
O1 EDO G . 14.13 28.50 -36.01
C2 EDO G . 16.54 28.23 -36.08
O2 EDO G . 17.62 28.03 -35.18
S SO4 H . -30.01 -12.11 24.86
O1 SO4 H . -30.93 -12.26 23.78
O2 SO4 H . -28.90 -13.02 24.67
O3 SO4 H . -29.52 -10.72 24.84
O4 SO4 H . -30.65 -12.37 26.11
#